data_7VFO
#
_entry.id   7VFO
#
_cell.length_a   172.257
_cell.length_b   172.257
_cell.length_c   106.174
_cell.angle_alpha   90.000
_cell.angle_beta   90.000
_cell.angle_gamma   120.000
#
_symmetry.space_group_name_H-M   'P 32 2 1'
#
loop_
_entity.id
_entity.type
_entity.pdbx_description
1 polymer 'Glycosyl transferase, group 1 family protein'
2 non-polymer 'PHOSPHATE ION'
3 water water
#
_entity_poly.entity_id   1
_entity_poly.type   'polypeptide(L)'
_entity_poly.pdbx_seq_one_letter_code
;(MSE)NYFVGNSLGVNLTGIEKAIINRLNLFKE(MSE)GRPAQCVFLSWNRYLYRNAQNYITSSDYIN(MSE)YDFFQEA
TYLERNEPFDWLSYWTDECHYTLKHVENSHDFRIYDQERFL(MSE)YAHFQDPKYRILDYVNHFDSQRRKVKRDFYDVRG
FLSCSRILVDKQQTLCEFFYNPEGDTKLEKYFSYKDGKPEVQKIIVYYANKQYFFNNETELGAFFIKQLYQHGDLFFSDR
NVYTAPIFNLTPESIPVVAVLHSTHIKNIDALDSSPFKNVYKA(MSE)FENLSRYRAIIVSTEQQKLDVEKRINHTIPVV
NIPVGYSETIDTPVQTLDQRSVKLISVARYSPEKQLHQQIELIKRLVSYVPKIELH(MSE)YGFGSESKKLNELIQKYGL
ENHVYLRGFLSNLDQEYSDAYLSLITSN(MSE)EGFSLALLESLAHGVPVISYDIKYGPNELITSDFNGYLITKNDEDAL
FDKVKYVIDHPEVQQRLSKGSLAKAQQYSKASLIKQWDQFVRLILEHHHHHH
;
_entity_poly.pdbx_strand_id   A,B
#
loop_
_chem_comp.id
_chem_comp.type
_chem_comp.name
_chem_comp.formula
PO4 non-polymer 'PHOSPHATE ION' 'O4 P -3'
#
# COMPACT_ATOMS: atom_id res chain seq x y z
N MSE A 1 -4.35 -1.93 5.89
CA MSE A 1 -4.95 -2.45 4.66
C MSE A 1 -6.38 -2.98 4.75
O MSE A 1 -6.73 -3.73 5.65
CB MSE A 1 -4.07 -3.56 4.08
CG MSE A 1 -4.76 -4.34 2.94
SE MSE A 1 -4.84 -3.32 1.26
CE MSE A 1 -2.98 -3.37 0.75
N ASN A 2 -7.23 -2.60 3.78
CA ASN A 2 -8.64 -2.95 3.79
C ASN A 2 -8.94 -3.97 2.72
N TYR A 3 -9.58 -5.05 3.11
CA TYR A 3 -9.81 -6.18 2.25
C TYR A 3 -11.31 -6.34 2.01
N PHE A 4 -11.72 -6.43 0.75
CA PHE A 4 -13.13 -6.66 0.41
C PHE A 4 -13.25 -8.07 -0.14
N VAL A 5 -13.60 -9.01 0.75
CA VAL A 5 -13.67 -10.42 0.41
C VAL A 5 -14.96 -10.70 -0.34
N GLY A 6 -14.83 -11.24 -1.55
CA GLY A 6 -15.96 -11.76 -2.28
C GLY A 6 -15.67 -13.16 -2.77
N ASN A 7 -16.49 -13.67 -3.69
CA ASN A 7 -16.25 -14.99 -4.28
C ASN A 7 -15.36 -14.90 -5.52
N SER A 8 -15.86 -14.27 -6.57
CA SER A 8 -15.03 -14.04 -7.74
C SER A 8 -15.75 -13.00 -8.63
N LEU A 9 -15.15 -12.70 -9.78
CA LEU A 9 -15.73 -11.82 -10.78
C LEU A 9 -16.17 -12.63 -11.97
N GLY A 10 -17.40 -12.42 -12.41
CA GLY A 10 -17.89 -13.13 -13.57
C GLY A 10 -17.38 -12.53 -14.86
N VAL A 11 -17.71 -13.21 -15.96
CA VAL A 11 -17.55 -12.57 -17.27
C VAL A 11 -18.34 -11.26 -17.30
N ASN A 12 -19.61 -11.35 -16.93
CA ASN A 12 -20.50 -10.23 -16.71
C ASN A 12 -20.51 -9.93 -15.22
N LEU A 13 -20.17 -8.70 -14.85
CA LEU A 13 -20.18 -8.37 -13.43
C LEU A 13 -21.61 -8.45 -12.87
N THR A 14 -21.73 -9.07 -11.69
CA THR A 14 -22.95 -9.05 -10.91
C THR A 14 -23.00 -7.82 -10.03
N GLY A 15 -24.15 -7.63 -9.37
CA GLY A 15 -24.32 -6.47 -8.54
C GLY A 15 -23.30 -6.41 -7.42
N ILE A 16 -23.02 -7.55 -6.79
CA ILE A 16 -22.06 -7.58 -5.68
C ILE A 16 -20.67 -7.30 -6.19
N GLU A 17 -20.35 -7.84 -7.36
CA GLU A 17 -19.04 -7.62 -7.96
C GLU A 17 -18.85 -6.15 -8.31
N LYS A 18 -19.87 -5.53 -8.92
CA LYS A 18 -19.79 -4.12 -9.24
C LYS A 18 -19.64 -3.30 -7.98
N ALA A 19 -20.38 -3.66 -6.93
CA ALA A 19 -20.36 -2.91 -5.68
C ALA A 19 -19.00 -2.98 -5.00
N ILE A 20 -18.39 -4.16 -5.01
CA ILE A 20 -17.03 -4.34 -4.50
C ILE A 20 -16.06 -3.45 -5.27
N ILE A 21 -16.15 -3.46 -6.60
CA ILE A 21 -15.18 -2.70 -7.41
C ILE A 21 -15.31 -1.22 -7.12
N ASN A 22 -16.55 -0.73 -6.95
CA ASN A 22 -16.80 0.65 -6.55
C ASN A 22 -16.13 1.00 -5.22
N ARG A 23 -16.29 0.15 -4.20
CA ARG A 23 -15.61 0.45 -2.95
C ARG A 23 -14.10 0.61 -3.21
N LEU A 24 -13.54 -0.30 -4.02
CA LEU A 24 -12.12 -0.28 -4.34
C LEU A 24 -11.73 1.02 -5.01
N ASN A 25 -12.54 1.49 -5.96
CA ASN A 25 -12.18 2.69 -6.71
C ASN A 25 -12.36 3.95 -5.88
N LEU A 26 -13.29 3.94 -4.91
CA LEU A 26 -13.40 5.06 -3.97
C LEU A 26 -12.22 5.11 -3.03
N PHE A 27 -11.87 3.97 -2.45
CA PHE A 27 -10.70 3.88 -1.58
C PHE A 27 -9.45 4.27 -2.32
N LYS A 28 -9.41 4.04 -3.64
CA LYS A 28 -8.27 4.50 -4.45
C LYS A 28 -8.16 6.02 -4.39
N GLU A 29 -9.25 6.72 -4.75
CA GLU A 29 -9.20 8.18 -4.78
C GLU A 29 -9.01 8.76 -3.38
N MSE A 30 -9.59 8.11 -2.38
CA MSE A 30 -9.50 8.56 -1.02
C MSE A 30 -8.05 8.57 -0.54
O MSE A 30 -7.61 9.54 0.09
CB MSE A 30 -10.35 7.67 -0.12
CG MSE A 30 -10.19 7.98 1.32
SE MSE A 30 -11.10 6.66 2.39
CE MSE A 30 -12.53 6.16 1.16
N GLY A 31 -7.31 7.52 -0.86
CA GLY A 31 -5.89 7.45 -0.57
C GLY A 31 -5.49 6.34 0.37
N ARG A 32 -6.50 5.55 0.92
CA ARG A 32 -6.38 4.36 1.77
C ARG A 32 -6.07 3.12 0.95
N PRO A 33 -5.08 2.32 1.35
CA PRO A 33 -4.86 1.04 0.67
C PRO A 33 -6.08 0.15 0.77
N ALA A 34 -6.40 -0.50 -0.35
CA ALA A 34 -7.50 -1.46 -0.43
C ALA A 34 -7.15 -2.54 -1.44
N GLN A 35 -7.84 -3.67 -1.33
CA GLN A 35 -7.63 -4.82 -2.19
C GLN A 35 -8.89 -5.70 -2.16
N CYS A 36 -9.21 -6.29 -3.29
CA CYS A 36 -10.31 -7.26 -3.34
C CYS A 36 -9.77 -8.63 -3.04
N VAL A 37 -10.49 -9.38 -2.24
CA VAL A 37 -10.13 -10.77 -1.98
C VAL A 37 -11.19 -11.65 -2.62
N PHE A 38 -10.75 -12.62 -3.40
CA PHE A 38 -11.65 -13.56 -4.07
C PHE A 38 -11.31 -14.98 -3.62
N LEU A 39 -12.32 -15.76 -3.29
CA LEU A 39 -12.13 -17.08 -2.68
C LEU A 39 -12.22 -18.23 -3.68
N SER A 40 -13.19 -18.13 -4.61
CA SER A 40 -13.53 -19.15 -5.62
C SER A 40 -12.35 -19.47 -6.51
N TRP A 41 -12.15 -20.75 -6.83
CA TRP A 41 -11.13 -21.12 -7.82
C TRP A 41 -11.69 -20.76 -9.18
N ASN A 42 -10.98 -19.91 -9.93
CA ASN A 42 -11.44 -19.50 -11.26
C ASN A 42 -10.24 -19.21 -12.14
N ARG A 43 -10.06 -20.04 -13.16
CA ARG A 43 -8.91 -19.91 -14.07
C ARG A 43 -9.09 -18.78 -15.06
N TYR A 44 -10.26 -18.14 -15.07
CA TYR A 44 -10.49 -17.07 -16.04
C TYR A 44 -10.64 -15.73 -15.36
N LEU A 45 -10.22 -15.62 -14.09
CA LEU A 45 -10.39 -14.41 -13.31
C LEU A 45 -9.45 -13.30 -13.77
N TYR A 46 -8.34 -13.66 -14.40
CA TYR A 46 -7.46 -12.64 -14.97
C TYR A 46 -8.15 -11.89 -16.09
N ARG A 47 -8.67 -12.65 -17.06
CA ARG A 47 -9.47 -12.10 -18.14
C ARG A 47 -10.66 -11.33 -17.58
N ASN A 48 -11.33 -11.90 -16.58
CA ASN A 48 -12.57 -11.32 -16.08
C ASN A 48 -12.32 -10.02 -15.36
N ALA A 49 -11.16 -9.89 -14.70
CA ALA A 49 -10.80 -8.71 -13.95
C ALA A 49 -10.23 -7.59 -14.79
N GLN A 50 -9.76 -7.89 -16.00
CA GLN A 50 -8.80 -7.02 -16.66
C GLN A 50 -9.40 -5.63 -16.93
N ASN A 51 -10.66 -5.55 -17.37
CA ASN A 51 -11.25 -4.24 -17.69
C ASN A 51 -11.82 -3.50 -16.48
N TYR A 52 -11.48 -3.88 -15.26
CA TYR A 52 -12.08 -3.24 -14.09
C TYR A 52 -11.06 -3.00 -12.96
N ILE A 53 -10.14 -3.95 -12.73
CA ILE A 53 -9.13 -3.83 -11.68
C ILE A 53 -7.81 -4.40 -12.18
N THR A 54 -6.73 -4.02 -11.49
CA THR A 54 -5.39 -4.45 -11.85
C THR A 54 -5.01 -5.65 -10.99
N SER A 55 -4.09 -6.46 -11.48
CA SER A 55 -3.87 -7.75 -10.82
C SER A 55 -3.28 -7.58 -9.43
N SER A 56 -2.83 -6.36 -9.10
CA SER A 56 -2.37 -5.94 -7.78
C SER A 56 -3.46 -5.35 -6.92
N ASP A 57 -4.67 -5.15 -7.46
CA ASP A 57 -5.79 -4.70 -6.65
C ASP A 57 -6.54 -5.86 -6.02
N TYR A 58 -6.14 -7.07 -6.32
CA TYR A 58 -6.90 -8.25 -5.95
C TYR A 58 -5.93 -9.36 -5.62
N ILE A 59 -6.30 -10.13 -4.59
CA ILE A 59 -5.69 -11.41 -4.29
C ILE A 59 -6.79 -12.47 -4.41
N ASN A 60 -6.53 -13.48 -5.21
CA ASN A 60 -7.38 -14.67 -5.22
C ASN A 60 -6.79 -15.78 -4.35
N MSE A 61 -7.64 -16.42 -3.56
CA MSE A 61 -7.15 -17.39 -2.61
C MSE A 61 -6.30 -18.49 -3.24
O MSE A 61 -5.20 -18.75 -2.76
CB MSE A 61 -8.30 -18.02 -1.84
CG MSE A 61 -7.81 -19.12 -0.96
SE MSE A 61 -9.09 -19.74 0.31
CE MSE A 61 -10.37 -20.47 -0.98
N TYR A 62 -6.81 -19.08 -4.32
CA TYR A 62 -6.07 -20.13 -5.01
C TYR A 62 -4.78 -19.60 -5.64
N ASP A 63 -4.86 -18.44 -6.34
CA ASP A 63 -3.64 -17.83 -6.87
C ASP A 63 -2.59 -17.73 -5.79
N PHE A 64 -2.98 -17.22 -4.61
CA PHE A 64 -2.08 -17.02 -3.48
C PHE A 64 -1.25 -18.28 -3.22
N PHE A 65 -1.96 -19.41 -3.04
CA PHE A 65 -1.31 -20.68 -2.75
C PHE A 65 -0.65 -21.25 -3.97
N GLN A 66 -1.06 -20.85 -5.17
CA GLN A 66 -0.42 -21.31 -6.39
C GLN A 66 0.76 -20.45 -6.78
N GLU A 67 1.23 -19.60 -5.85
CA GLU A 67 2.29 -18.64 -6.17
C GLU A 67 2.05 -17.95 -7.50
N ALA A 68 0.81 -17.61 -7.77
CA ALA A 68 0.42 -17.01 -9.03
C ALA A 68 -0.37 -15.75 -8.78
N THR A 69 -0.38 -15.26 -7.55
CA THR A 69 -0.86 -13.92 -7.29
C THR A 69 0.01 -12.90 -8.00
N TYR A 70 -0.64 -11.93 -8.66
CA TYR A 70 0.03 -10.86 -9.44
C TYR A 70 0.89 -11.42 -10.58
N LEU A 71 0.45 -12.53 -11.18
CA LEU A 71 1.08 -13.08 -12.37
C LEU A 71 0.32 -12.59 -13.60
N GLU A 72 1.06 -12.30 -14.66
CA GLU A 72 0.50 -11.82 -15.91
C GLU A 72 0.42 -12.96 -16.93
N ARG A 73 -0.46 -12.77 -17.93
CA ARG A 73 -0.45 -13.56 -19.17
C ARG A 73 0.98 -13.76 -19.64
N ASN A 74 1.40 -15.03 -19.78
CA ASN A 74 2.71 -15.21 -20.37
C ASN A 74 2.55 -15.34 -21.88
N GLU A 75 3.69 -15.50 -22.57
CA GLU A 75 3.73 -15.45 -24.03
C GLU A 75 2.94 -16.62 -24.63
N PRO A 76 2.15 -16.38 -25.68
CA PRO A 76 1.28 -17.43 -26.19
C PRO A 76 2.07 -18.62 -26.72
N PHE A 77 1.41 -19.77 -26.73
CA PHE A 77 2.03 -21.04 -27.04
C PHE A 77 1.20 -21.75 -28.09
N ASP A 78 1.84 -22.06 -29.23
CA ASP A 78 1.22 -22.87 -30.27
C ASP A 78 1.08 -24.32 -29.85
N TRP A 79 -0.03 -24.68 -29.21
CA TRP A 79 -0.18 -26.06 -28.78
C TRP A 79 -0.30 -27.00 -29.96
N LEU A 80 -0.89 -26.54 -31.06
CA LEU A 80 -1.13 -27.44 -32.19
C LEU A 80 0.16 -27.76 -32.94
N SER A 81 1.06 -26.77 -33.09
CA SER A 81 2.34 -27.08 -33.72
C SER A 81 3.26 -27.81 -32.76
N TYR A 82 3.06 -27.66 -31.43
CA TYR A 82 3.74 -28.55 -30.50
C TYR A 82 3.34 -30.00 -30.78
N TRP A 83 2.04 -30.26 -30.84
CA TRP A 83 1.57 -31.64 -30.97
C TRP A 83 1.97 -32.24 -32.32
N THR A 84 1.82 -31.47 -33.41
CA THR A 84 2.10 -32.01 -34.75
C THR A 84 3.60 -32.20 -34.98
N ASP A 85 4.34 -31.10 -34.87
CA ASP A 85 5.77 -31.09 -35.19
C ASP A 85 6.60 -31.75 -34.09
N GLU A 86 6.52 -31.21 -32.87
CA GLU A 86 7.32 -31.70 -31.74
C GLU A 86 6.93 -33.12 -31.31
N CYS A 87 5.64 -33.36 -31.10
CA CYS A 87 5.19 -34.65 -30.55
C CYS A 87 4.87 -35.69 -31.60
N HIS A 88 4.84 -35.32 -32.88
CA HIS A 88 4.55 -36.26 -33.96
C HIS A 88 3.20 -36.95 -33.72
N TYR A 89 2.25 -36.18 -33.19
CA TYR A 89 0.85 -36.55 -33.05
C TYR A 89 0.11 -36.15 -34.33
N THR A 90 -1.10 -36.66 -34.51
CA THR A 90 -1.95 -36.15 -35.58
C THR A 90 -3.29 -35.71 -34.99
N LEU A 91 -3.87 -34.65 -35.58
CA LEU A 91 -4.91 -33.82 -34.93
C LEU A 91 -6.23 -33.85 -35.72
N LYS A 92 -7.11 -34.79 -35.39
CA LYS A 92 -8.44 -34.80 -36.00
C LYS A 92 -9.29 -33.70 -35.38
N HIS A 93 -9.56 -32.63 -36.14
CA HIS A 93 -10.45 -31.56 -35.67
C HIS A 93 -11.88 -32.05 -35.48
N VAL A 94 -12.52 -31.56 -34.41
CA VAL A 94 -13.93 -31.82 -34.14
C VAL A 94 -14.76 -30.73 -34.79
N GLU A 95 -15.83 -31.11 -35.50
CA GLU A 95 -16.56 -30.17 -36.34
C GLU A 95 -17.45 -29.28 -35.49
N ASN A 96 -17.54 -28.01 -35.89
CA ASN A 96 -18.29 -26.99 -35.18
C ASN A 96 -17.82 -26.87 -33.74
N SER A 97 -16.51 -26.66 -33.58
CA SER A 97 -15.93 -26.49 -32.26
C SER A 97 -14.47 -26.09 -32.40
N HIS A 98 -13.95 -25.56 -31.30
CA HIS A 98 -12.53 -25.28 -31.14
C HIS A 98 -11.82 -26.43 -30.43
N ASP A 99 -12.32 -27.65 -30.64
CA ASP A 99 -11.81 -28.84 -29.99
C ASP A 99 -11.00 -29.65 -30.98
N PHE A 100 -10.33 -30.68 -30.46
CA PHE A 100 -9.46 -31.58 -31.21
C PHE A 100 -9.40 -32.92 -30.51
N ARG A 101 -9.13 -33.96 -31.28
CA ARG A 101 -8.91 -35.30 -30.75
C ARG A 101 -7.48 -35.68 -31.09
N ILE A 102 -6.61 -35.77 -30.07
CA ILE A 102 -5.20 -36.07 -30.31
C ILE A 102 -4.98 -37.58 -30.36
N TYR A 103 -4.13 -38.00 -31.31
CA TYR A 103 -3.82 -39.40 -31.59
C TYR A 103 -2.32 -39.55 -31.75
N ASP A 104 -1.80 -40.71 -31.34
CA ASP A 104 -0.44 -41.09 -31.71
C ASP A 104 -0.55 -42.36 -32.53
N GLN A 105 -0.40 -42.24 -33.85
CA GLN A 105 -0.49 -43.34 -34.81
C GLN A 105 -1.64 -44.30 -34.50
N GLU A 106 -2.84 -43.75 -34.40
CA GLU A 106 -4.09 -44.49 -34.17
C GLU A 106 -4.29 -44.89 -32.70
N ARG A 107 -3.47 -44.42 -31.77
CA ARG A 107 -3.73 -44.52 -30.33
C ARG A 107 -4.40 -43.23 -29.89
N PHE A 108 -5.65 -43.32 -29.44
CA PHE A 108 -6.37 -42.15 -28.94
C PHE A 108 -5.85 -41.79 -27.56
N LEU A 109 -5.27 -40.60 -27.42
CA LEU A 109 -4.74 -40.14 -26.15
C LEU A 109 -5.62 -39.09 -25.48
N MSE A 110 -5.73 -37.91 -26.07
CA MSE A 110 -6.43 -36.85 -25.39
C MSE A 110 -7.36 -36.07 -26.30
O MSE A 110 -7.22 -36.07 -27.52
CB MSE A 110 -5.41 -35.97 -24.71
CG MSE A 110 -4.32 -35.62 -25.64
SE MSE A 110 -2.64 -35.17 -24.76
CE MSE A 110 -2.24 -37.02 -24.41
N TYR A 111 -8.36 -35.46 -25.65
CA TYR A 111 -9.33 -34.56 -26.28
C TYR A 111 -9.01 -33.13 -25.83
N ALA A 112 -8.55 -32.29 -26.75
CA ALA A 112 -8.21 -30.91 -26.44
C ALA A 112 -9.39 -29.98 -26.70
N HIS A 113 -9.55 -28.97 -25.84
CA HIS A 113 -10.59 -27.95 -25.97
C HIS A 113 -9.96 -26.58 -25.80
N PHE A 114 -10.17 -25.70 -26.77
CA PHE A 114 -9.72 -24.32 -26.68
C PHE A 114 -10.93 -23.40 -26.45
N GLN A 115 -10.67 -22.21 -25.90
CA GLN A 115 -11.69 -21.19 -25.72
C GLN A 115 -12.01 -20.51 -27.05
N ASP A 116 -11.01 -20.01 -27.66
CA ASP A 116 -11.07 -19.13 -28.80
C ASP A 116 -10.90 -19.88 -30.11
N PRO A 117 -11.34 -19.31 -31.22
CA PRO A 117 -11.19 -19.98 -32.52
C PRO A 117 -9.85 -19.75 -33.19
N LYS A 118 -9.06 -18.78 -32.70
CA LYS A 118 -7.66 -18.66 -33.09
C LYS A 118 -6.80 -19.75 -32.44
N TYR A 119 -7.37 -20.54 -31.54
CA TYR A 119 -6.69 -21.68 -30.89
C TYR A 119 -5.49 -21.23 -30.06
N ARG A 120 -5.63 -20.07 -29.41
CA ARG A 120 -4.57 -19.48 -28.61
C ARG A 120 -4.78 -19.68 -27.11
N ILE A 121 -6.02 -19.89 -26.68
CA ILE A 121 -6.37 -20.14 -25.28
C ILE A 121 -6.75 -21.62 -25.17
N LEU A 122 -5.85 -22.43 -24.63
CA LEU A 122 -6.17 -23.81 -24.31
C LEU A 122 -7.00 -23.90 -23.05
N ASP A 123 -8.20 -24.46 -23.14
CA ASP A 123 -9.08 -24.55 -21.98
C ASP A 123 -8.79 -25.79 -21.14
N TYR A 124 -8.95 -26.97 -21.72
CA TYR A 124 -8.72 -28.22 -21.01
C TYR A 124 -8.27 -29.32 -21.98
N VAL A 125 -7.65 -30.35 -21.40
CA VAL A 125 -7.21 -31.51 -22.17
C VAL A 125 -7.60 -32.73 -21.34
N ASN A 126 -8.32 -33.67 -21.95
CA ASN A 126 -8.86 -34.85 -21.28
C ASN A 126 -8.12 -36.10 -21.68
N HIS A 127 -7.73 -36.91 -20.69
CA HIS A 127 -6.83 -38.03 -20.88
C HIS A 127 -7.53 -39.38 -20.79
N PHE A 128 -7.14 -40.28 -21.69
CA PHE A 128 -7.76 -41.58 -21.87
C PHE A 128 -6.70 -42.69 -21.77
N ASP A 129 -7.08 -43.82 -21.15
CA ASP A 129 -6.26 -45.02 -21.08
C ASP A 129 -6.55 -45.94 -22.26
N SER A 130 -5.87 -47.11 -22.27
CA SER A 130 -5.93 -48.09 -23.35
C SER A 130 -7.35 -48.42 -23.79
N GLN A 131 -8.31 -48.31 -22.87
CA GLN A 131 -9.70 -48.66 -23.15
C GLN A 131 -10.59 -47.43 -23.26
N ARG A 132 -10.01 -46.26 -23.56
CA ARG A 132 -10.76 -45.03 -23.82
C ARG A 132 -11.67 -44.66 -22.65
N ARG A 133 -11.17 -44.85 -21.43
CA ARG A 133 -11.77 -44.32 -20.21
C ARG A 133 -11.20 -42.91 -19.97
N LYS A 134 -12.05 -41.96 -19.59
CA LYS A 134 -11.57 -40.60 -19.33
C LYS A 134 -10.98 -40.61 -17.93
N VAL A 135 -9.65 -40.59 -17.82
CA VAL A 135 -9.05 -40.92 -16.53
C VAL A 135 -8.69 -39.67 -15.74
N LYS A 136 -8.16 -38.66 -16.43
CA LYS A 136 -7.60 -37.44 -15.88
C LYS A 136 -7.99 -36.27 -16.77
N ARG A 137 -8.20 -35.08 -16.17
CA ARG A 137 -8.50 -33.83 -16.90
C ARG A 137 -7.55 -32.74 -16.47
N ASP A 138 -6.88 -32.09 -17.45
CA ASP A 138 -5.95 -30.98 -17.25
C ASP A 138 -6.68 -29.67 -17.56
N PHE A 139 -6.91 -28.83 -16.56
CA PHE A 139 -7.49 -27.51 -16.80
C PHE A 139 -6.38 -26.45 -16.82
N TYR A 140 -6.51 -25.45 -17.70
CA TYR A 140 -5.47 -24.43 -17.85
C TYR A 140 -5.96 -23.04 -17.42
N ASP A 141 -5.05 -22.23 -16.90
CA ASP A 141 -5.34 -20.83 -16.59
C ASP A 141 -5.38 -20.01 -17.87
N VAL A 142 -6.11 -18.90 -17.81
CA VAL A 142 -6.17 -18.05 -19.00
C VAL A 142 -4.84 -17.32 -19.22
N ARG A 143 -3.97 -17.31 -18.22
CA ARG A 143 -2.62 -16.78 -18.38
C ARG A 143 -1.64 -17.78 -18.94
N GLY A 144 -2.06 -19.02 -19.22
CA GLY A 144 -1.14 -19.97 -19.81
C GLY A 144 -0.90 -21.26 -19.05
N PHE A 145 -0.55 -21.16 -17.77
CA PHE A 145 -0.01 -22.30 -17.05
C PHE A 145 -1.10 -23.31 -16.70
N LEU A 146 -0.71 -24.60 -16.65
CA LEU A 146 -1.59 -25.66 -16.17
C LEU A 146 -1.88 -25.43 -14.71
N SER A 147 -3.17 -25.30 -14.37
CA SER A 147 -3.63 -24.89 -13.05
C SER A 147 -4.07 -26.07 -12.19
N CYS A 148 -4.72 -27.07 -12.77
CA CYS A 148 -5.36 -28.13 -12.00
C CYS A 148 -5.50 -29.38 -12.86
N SER A 149 -4.95 -30.51 -12.42
CA SER A 149 -5.31 -31.80 -12.97
C SER A 149 -6.37 -32.39 -12.05
N ARG A 150 -7.36 -33.07 -12.64
CA ARG A 150 -8.43 -33.73 -11.87
C ARG A 150 -8.48 -35.21 -12.24
N ILE A 151 -8.65 -36.06 -11.23
CA ILE A 151 -8.60 -37.50 -11.41
C ILE A 151 -10.01 -38.05 -11.30
N LEU A 152 -10.37 -38.93 -12.23
CA LEU A 152 -11.75 -39.35 -12.36
C LEU A 152 -11.89 -40.82 -12.01
N VAL A 153 -13.05 -41.16 -11.48
CA VAL A 153 -13.33 -42.51 -11.04
C VAL A 153 -14.74 -42.86 -11.49
N ASP A 154 -14.95 -44.13 -11.82
CA ASP A 154 -16.27 -44.65 -12.20
C ASP A 154 -16.84 -43.81 -13.35
N LYS A 155 -17.95 -43.10 -13.11
CA LYS A 155 -18.64 -42.37 -14.18
C LYS A 155 -18.17 -40.92 -14.26
N GLN A 156 -16.91 -40.76 -14.70
CA GLN A 156 -16.23 -39.46 -14.75
C GLN A 156 -16.50 -38.66 -13.48
N GLN A 157 -16.52 -39.34 -12.35
CA GLN A 157 -16.72 -38.71 -11.05
C GLN A 157 -15.40 -38.14 -10.55
N THR A 158 -15.48 -37.05 -9.80
CA THR A 158 -14.26 -36.43 -9.31
C THR A 158 -13.77 -37.14 -8.05
N LEU A 159 -12.59 -37.76 -8.15
CA LEU A 159 -11.98 -38.38 -6.99
C LEU A 159 -11.01 -37.44 -6.29
N CYS A 160 -10.24 -36.67 -7.05
CA CYS A 160 -9.38 -35.68 -6.41
C CYS A 160 -8.85 -34.72 -7.46
N GLU A 161 -8.37 -33.56 -7.01
CA GLU A 161 -7.77 -32.60 -7.90
C GLU A 161 -6.51 -32.00 -7.26
N PHE A 162 -5.56 -31.64 -8.11
CA PHE A 162 -4.24 -31.19 -7.73
C PHE A 162 -4.01 -29.86 -8.40
N PHE A 163 -3.75 -28.83 -7.61
CA PHE A 163 -3.51 -27.47 -8.09
C PHE A 163 -2.02 -27.17 -8.06
N TYR A 164 -1.52 -26.62 -9.15
CA TYR A 164 -0.08 -26.47 -9.41
C TYR A 164 0.24 -24.99 -9.48
N ASN A 165 1.52 -24.65 -9.38
CA ASN A 165 1.91 -23.28 -9.65
C ASN A 165 2.36 -23.22 -11.09
N PRO A 166 2.67 -22.01 -11.61
CA PRO A 166 3.01 -21.95 -13.03
C PRO A 166 4.30 -22.69 -13.38
N GLU A 167 5.22 -22.86 -12.43
CA GLU A 167 6.38 -23.71 -12.64
C GLU A 167 6.07 -25.21 -12.61
N GLY A 168 4.88 -25.62 -12.19
CA GLY A 168 4.50 -27.02 -12.18
C GLY A 168 4.44 -27.68 -10.80
N ASP A 169 5.00 -27.10 -9.75
CA ASP A 169 5.04 -27.79 -8.46
C ASP A 169 3.64 -27.86 -7.89
N THR A 170 3.34 -28.95 -7.18
CA THR A 170 2.04 -29.07 -6.56
C THR A 170 1.96 -28.21 -5.32
N LYS A 171 0.84 -27.50 -5.20
CA LYS A 171 0.61 -26.59 -4.08
C LYS A 171 -0.65 -26.92 -3.31
N LEU A 172 -1.53 -27.76 -3.85
CA LEU A 172 -2.83 -27.99 -3.24
C LEU A 172 -3.35 -29.34 -3.69
N GLU A 173 -3.91 -30.13 -2.77
CA GLU A 173 -4.57 -31.38 -3.11
C GLU A 173 -5.95 -31.38 -2.45
N LYS A 174 -6.95 -31.82 -3.20
CA LYS A 174 -8.32 -31.93 -2.68
C LYS A 174 -8.83 -33.34 -2.96
N TYR A 175 -9.40 -33.96 -1.94
CA TYR A 175 -9.91 -35.32 -2.04
C TYR A 175 -11.43 -35.33 -1.92
N PHE A 176 -12.09 -35.94 -2.89
CA PHE A 176 -13.53 -35.94 -2.94
C PHE A 176 -14.07 -37.33 -2.60
N SER A 177 -15.28 -37.35 -2.04
CA SER A 177 -16.08 -38.54 -1.81
C SER A 177 -17.52 -38.15 -2.06
N TYR A 178 -18.27 -38.97 -2.77
CA TYR A 178 -19.55 -38.57 -3.36
C TYR A 178 -20.72 -38.74 -2.40
N LYS A 179 -21.27 -37.61 -1.96
CA LYS A 179 -22.48 -37.55 -1.13
C LYS A 179 -23.62 -36.96 -1.93
N ASP A 180 -24.74 -37.69 -2.00
CA ASP A 180 -25.92 -37.26 -2.75
C ASP A 180 -25.61 -37.06 -4.23
N GLY A 181 -24.86 -38.01 -4.80
CA GLY A 181 -24.52 -37.93 -6.22
C GLY A 181 -23.74 -36.69 -6.64
N LYS A 182 -22.98 -36.11 -5.71
CA LYS A 182 -22.20 -34.89 -6.00
C LYS A 182 -20.91 -34.81 -5.16
N PRO A 183 -19.80 -34.38 -5.76
CA PRO A 183 -18.51 -34.46 -5.05
C PRO A 183 -18.46 -33.48 -3.88
N GLU A 184 -18.20 -34.01 -2.69
CA GLU A 184 -17.97 -33.21 -1.49
C GLU A 184 -16.51 -33.35 -1.08
N VAL A 185 -15.88 -32.22 -0.76
CA VAL A 185 -14.51 -32.23 -0.26
C VAL A 185 -14.45 -32.89 1.11
N GLN A 186 -13.36 -33.67 1.37
CA GLN A 186 -13.16 -34.31 2.66
C GLN A 186 -11.75 -34.14 3.21
N LYS A 187 -10.78 -33.79 2.41
CA LYS A 187 -9.41 -33.53 2.82
C LYS A 187 -8.84 -32.46 1.92
N ILE A 188 -8.02 -31.60 2.48
CA ILE A 188 -7.24 -30.66 1.69
C ILE A 188 -5.83 -30.69 2.22
N ILE A 189 -4.86 -30.75 1.32
CA ILE A 189 -3.45 -30.64 1.65
C ILE A 189 -2.94 -29.36 1.01
N VAL A 190 -2.26 -28.54 1.79
CA VAL A 190 -1.75 -27.27 1.27
C VAL A 190 -0.26 -27.19 1.57
N TYR A 191 0.53 -26.99 0.53
CA TYR A 191 1.96 -26.82 0.66
C TYR A 191 2.24 -25.33 0.69
N TYR A 192 2.79 -24.86 1.80
CA TYR A 192 2.89 -23.44 2.07
C TYR A 192 3.90 -23.25 3.18
N ALA A 193 4.80 -22.29 3.01
CA ALA A 193 5.80 -22.01 4.04
C ALA A 193 6.72 -23.23 4.25
N ASN A 194 6.99 -23.96 3.18
CA ASN A 194 7.78 -25.18 3.26
C ASN A 194 7.23 -26.14 4.31
N LYS A 195 5.90 -26.18 4.40
CA LYS A 195 5.24 -27.08 5.33
C LYS A 195 4.00 -27.65 4.65
N GLN A 196 3.31 -28.51 5.38
CA GLN A 196 2.14 -29.24 4.90
C GLN A 196 0.98 -28.90 5.85
N TYR A 197 -0.18 -28.59 5.30
CA TYR A 197 -1.32 -28.17 6.09
C TYR A 197 -2.54 -29.00 5.73
N PHE A 198 -3.35 -29.32 6.73
CA PHE A 198 -4.52 -30.16 6.48
C PHE A 198 -5.79 -29.48 6.94
N PHE A 199 -6.80 -29.50 6.04
CA PHE A 199 -8.12 -28.98 6.32
C PHE A 199 -9.15 -29.98 5.80
N ASN A 200 -10.31 -30.03 6.47
CA ASN A 200 -11.35 -30.98 6.12
C ASN A 200 -12.31 -30.41 5.11
N ASN A 201 -12.16 -29.13 4.78
CA ASN A 201 -13.24 -28.28 4.31
C ASN A 201 -12.64 -27.07 3.59
N GLU A 202 -13.37 -26.54 2.61
CA GLU A 202 -12.90 -25.33 1.92
C GLU A 202 -13.01 -24.10 2.80
N THR A 203 -13.93 -24.14 3.77
CA THR A 203 -14.04 -23.08 4.76
C THR A 203 -12.81 -23.02 5.63
N GLU A 204 -12.40 -24.17 6.20
CA GLU A 204 -11.17 -24.24 6.96
C GLU A 204 -10.01 -23.75 6.12
N LEU A 205 -10.06 -23.99 4.80
CA LEU A 205 -9.05 -23.45 3.90
C LEU A 205 -9.16 -21.93 3.86
N GLY A 206 -10.39 -21.42 3.72
CA GLY A 206 -10.61 -19.98 3.68
C GLY A 206 -10.07 -19.28 4.92
N ALA A 207 -10.32 -19.85 6.10
CA ALA A 207 -9.88 -19.22 7.35
C ALA A 207 -8.36 -19.13 7.41
N PHE A 208 -7.68 -20.23 7.10
CA PHE A 208 -6.21 -20.25 7.03
C PHE A 208 -5.70 -19.11 6.15
N PHE A 209 -6.32 -18.97 4.98
CA PHE A 209 -5.86 -17.99 4.00
C PHE A 209 -5.98 -16.58 4.55
N ILE A 210 -7.10 -16.28 5.21
CA ILE A 210 -7.28 -14.98 5.87
C ILE A 210 -6.14 -14.72 6.87
N LYS A 211 -5.88 -15.70 7.74
CA LYS A 211 -4.90 -15.52 8.81
C LYS A 211 -3.53 -15.23 8.27
N GLN A 212 -3.26 -15.66 7.04
CA GLN A 212 -2.02 -15.29 6.39
C GLN A 212 -2.05 -13.83 5.95
N LEU A 213 -3.14 -13.44 5.26
CA LEU A 213 -3.34 -12.07 4.76
C LEU A 213 -3.23 -11.04 5.87
N TYR A 214 -3.80 -11.36 7.03
CA TYR A 214 -4.04 -10.41 8.10
C TYR A 214 -2.74 -9.93 8.74
N GLN A 215 -2.60 -8.62 8.88
CA GLN A 215 -1.61 -7.98 9.73
C GLN A 215 -2.35 -7.10 10.74
N HIS A 216 -1.66 -6.76 11.83
CA HIS A 216 -2.29 -5.89 12.83
C HIS A 216 -2.63 -4.56 12.20
N GLY A 217 -3.89 -4.14 12.37
CA GLY A 217 -4.39 -2.91 11.80
C GLY A 217 -5.07 -3.07 10.46
N ASP A 218 -5.18 -4.30 9.98
CA ASP A 218 -5.92 -4.58 8.76
C ASP A 218 -7.39 -4.79 9.10
N LEU A 219 -8.25 -4.50 8.14
CA LEU A 219 -9.68 -4.58 8.33
C LEU A 219 -10.30 -5.38 7.18
N PHE A 220 -11.29 -6.21 7.49
CA PHE A 220 -11.95 -7.07 6.51
C PHE A 220 -13.37 -6.59 6.25
N PHE A 221 -13.91 -7.01 5.11
CA PHE A 221 -15.29 -6.74 4.72
C PHE A 221 -15.85 -7.97 4.01
N SER A 222 -16.93 -8.49 4.55
CA SER A 222 -17.50 -9.77 4.15
C SER A 222 -18.68 -9.47 3.23
N ASP A 223 -18.53 -9.79 1.92
CA ASP A 223 -19.50 -9.37 0.90
C ASP A 223 -20.32 -10.47 0.25
N ARG A 224 -19.86 -11.71 0.28
CA ARG A 224 -20.64 -12.88 -0.08
C ARG A 224 -20.80 -13.62 1.23
N ASN A 225 -21.80 -13.23 2.00
CA ASN A 225 -21.85 -13.76 3.36
C ASN A 225 -22.23 -15.22 3.42
N VAL A 226 -22.72 -15.78 2.30
CA VAL A 226 -22.91 -17.21 2.11
C VAL A 226 -21.63 -17.92 2.53
N TYR A 227 -20.53 -17.56 1.88
CA TYR A 227 -19.23 -18.19 2.03
C TYR A 227 -18.35 -17.46 3.03
N THR A 228 -18.34 -16.13 2.97
CA THR A 228 -17.38 -15.35 3.75
C THR A 228 -17.70 -15.40 5.24
N ALA A 229 -19.00 -15.44 5.60
CA ALA A 229 -19.36 -15.44 7.04
C ALA A 229 -18.89 -16.72 7.72
N PRO A 230 -19.21 -17.94 7.22
CA PRO A 230 -18.57 -19.15 7.78
C PRO A 230 -17.05 -19.07 7.87
N ILE A 231 -16.36 -18.51 6.87
CA ILE A 231 -14.90 -18.36 6.95
C ILE A 231 -14.52 -17.53 8.15
N PHE A 232 -15.27 -16.48 8.44
CA PHE A 232 -14.81 -15.56 9.46
C PHE A 232 -15.11 -16.08 10.86
N ASN A 233 -16.11 -16.96 10.97
CA ASN A 233 -16.41 -17.62 12.24
C ASN A 233 -15.20 -18.37 12.79
N LEU A 234 -14.39 -18.95 11.91
CA LEU A 234 -13.27 -19.75 12.36
C LEU A 234 -12.00 -18.93 12.48
N THR A 235 -12.11 -17.63 12.43
CA THR A 235 -11.09 -16.61 12.54
C THR A 235 -11.14 -15.98 13.93
N PRO A 236 -9.98 -15.71 14.54
CA PRO A 236 -9.99 -15.02 15.85
C PRO A 236 -10.72 -13.70 15.84
N GLU A 237 -11.50 -13.45 16.92
CA GLU A 237 -12.17 -12.17 17.11
C GLU A 237 -11.17 -11.01 17.09
N SER A 238 -9.91 -11.28 17.42
CA SER A 238 -8.87 -10.27 17.34
C SER A 238 -8.83 -9.63 15.95
N ILE A 239 -9.30 -10.31 14.95
CA ILE A 239 -9.26 -9.82 13.54
C ILE A 239 -10.57 -9.10 13.27
N PRO A 240 -10.55 -7.80 12.96
CA PRO A 240 -11.81 -7.08 12.71
C PRO A 240 -12.40 -7.44 11.34
N VAL A 241 -13.69 -7.74 11.31
CA VAL A 241 -14.41 -7.90 10.05
C VAL A 241 -15.72 -7.17 10.19
N VAL A 242 -16.10 -6.43 9.16
CA VAL A 242 -17.37 -5.72 9.06
C VAL A 242 -18.20 -6.39 7.99
N ALA A 243 -19.42 -6.82 8.34
CA ALA A 243 -20.38 -7.39 7.39
C ALA A 243 -20.94 -6.33 6.44
N VAL A 244 -21.09 -6.71 5.16
CA VAL A 244 -21.75 -5.89 4.16
C VAL A 244 -22.88 -6.73 3.55
N LEU A 245 -24.11 -6.31 3.79
CA LEU A 245 -25.29 -7.00 3.27
C LEU A 245 -25.66 -6.44 1.93
N HIS A 246 -25.82 -7.30 0.94
CA HIS A 246 -25.95 -6.77 -0.39
C HIS A 246 -27.37 -6.76 -0.90
N SER A 247 -28.32 -7.24 -0.11
CA SER A 247 -29.70 -7.22 -0.54
C SER A 247 -30.60 -7.19 0.70
N THR A 248 -31.90 -7.37 0.44
CA THR A 248 -32.89 -7.59 1.50
C THR A 248 -32.49 -8.79 2.35
N HIS A 249 -32.68 -8.65 3.67
CA HIS A 249 -32.12 -9.62 4.60
C HIS A 249 -33.02 -10.82 4.87
N ILE A 250 -34.29 -10.77 4.49
CA ILE A 250 -35.27 -11.76 4.93
C ILE A 250 -36.04 -12.32 3.74
N LYS A 251 -36.73 -13.46 3.96
CA LYS A 251 -37.34 -14.22 2.85
C LYS A 251 -38.56 -13.50 2.28
N ASN A 252 -39.39 -12.91 3.14
CA ASN A 252 -40.49 -12.04 2.70
C ASN A 252 -40.30 -10.70 3.39
N ILE A 253 -39.98 -9.66 2.60
CA ILE A 253 -39.71 -8.34 3.14
C ILE A 253 -40.96 -7.68 3.69
N ASP A 254 -42.13 -8.29 3.48
CA ASP A 254 -43.37 -7.71 3.99
C ASP A 254 -43.64 -8.17 5.41
N ALA A 255 -43.00 -9.28 5.82
CA ALA A 255 -43.06 -9.80 7.18
C ALA A 255 -41.78 -9.38 7.92
N LEU A 256 -41.76 -8.12 8.38
CA LEU A 256 -40.52 -7.58 8.94
C LEU A 256 -40.03 -8.38 10.15
N ASP A 257 -40.94 -8.84 11.01
CA ASP A 257 -40.60 -9.52 12.26
C ASP A 257 -40.82 -11.03 12.22
N SER A 258 -41.90 -11.47 11.59
CA SER A 258 -42.25 -12.90 11.51
C SER A 258 -41.81 -13.48 10.16
N SER A 259 -40.48 -13.47 9.96
CA SER A 259 -39.87 -13.93 8.70
C SER A 259 -38.45 -14.40 8.98
N PRO A 260 -38.05 -15.56 8.43
CA PRO A 260 -36.67 -16.04 8.61
C PRO A 260 -35.65 -15.25 7.79
N PHE A 261 -34.44 -15.17 8.33
CA PHE A 261 -33.32 -14.58 7.59
C PHE A 261 -32.99 -15.46 6.39
N LYS A 262 -32.48 -14.83 5.34
CA LYS A 262 -32.17 -15.55 4.10
C LYS A 262 -31.11 -16.60 4.37
N ASN A 263 -31.20 -17.71 3.63
CA ASN A 263 -30.20 -18.77 3.76
C ASN A 263 -28.79 -18.21 3.62
N VAL A 264 -28.62 -17.17 2.80
CA VAL A 264 -27.30 -16.60 2.52
C VAL A 264 -26.79 -15.79 3.72
N TYR A 265 -27.69 -15.13 4.45
CA TYR A 265 -27.29 -14.26 5.54
C TYR A 265 -27.48 -14.91 6.91
N LYS A 266 -27.89 -16.18 6.95
CA LYS A 266 -28.17 -16.86 8.21
C LYS A 266 -26.91 -16.94 9.09
N ALA A 267 -25.76 -17.23 8.48
CA ALA A 267 -24.57 -17.55 9.25
C ALA A 267 -24.02 -16.32 9.96
N MSE A 268 -24.26 -15.14 9.38
CA MSE A 268 -23.80 -13.90 9.97
C MSE A 268 -24.68 -13.48 11.14
O MSE A 268 -24.19 -13.07 12.19
CB MSE A 268 -23.82 -12.80 8.93
CG MSE A 268 -23.20 -11.59 9.47
SE MSE A 268 -24.61 -10.35 9.81
CE MSE A 268 -25.22 -10.19 8.05
N PHE A 269 -25.98 -13.59 10.91
CA PHE A 269 -26.98 -13.26 11.92
C PHE A 269 -26.93 -14.21 13.12
N GLU A 270 -26.34 -15.41 12.95
CA GLU A 270 -26.16 -16.32 14.07
C GLU A 270 -24.94 -15.95 14.90
N ASN A 271 -23.90 -15.41 14.26
CA ASN A 271 -22.69 -15.01 14.95
C ASN A 271 -22.50 -13.50 14.91
N LEU A 272 -23.53 -12.77 15.35
CA LEU A 272 -23.53 -11.32 15.20
C LEU A 272 -22.50 -10.61 16.05
N SER A 273 -21.87 -11.27 17.03
CA SER A 273 -20.84 -10.57 17.79
C SER A 273 -19.49 -10.65 17.08
N ARG A 274 -19.39 -11.51 16.05
CA ARG A 274 -18.17 -11.67 15.28
C ARG A 274 -17.85 -10.41 14.47
N TYR A 275 -18.87 -9.66 14.06
CA TYR A 275 -18.74 -8.58 13.09
C TYR A 275 -18.79 -7.23 13.78
N ARG A 276 -17.79 -6.39 13.49
CA ARG A 276 -17.59 -5.12 14.19
C ARG A 276 -18.75 -4.15 13.92
N ALA A 277 -19.27 -4.15 12.69
CA ALA A 277 -20.51 -3.48 12.35
C ALA A 277 -21.05 -4.12 11.07
N ILE A 278 -22.24 -3.70 10.66
CA ILE A 278 -22.89 -4.24 9.47
C ILE A 278 -23.38 -3.07 8.61
N ILE A 279 -23.15 -3.15 7.30
CA ILE A 279 -23.39 -2.05 6.35
C ILE A 279 -24.47 -2.46 5.35
N VAL A 280 -25.50 -1.61 5.21
CA VAL A 280 -26.56 -1.75 4.20
C VAL A 280 -26.50 -0.53 3.28
N SER A 281 -27.29 -0.52 2.21
CA SER A 281 -27.25 0.69 1.38
C SER A 281 -28.29 1.72 1.78
N THR A 282 -29.51 1.26 2.07
CA THR A 282 -30.64 2.13 2.29
C THR A 282 -30.87 2.37 3.76
N GLU A 283 -31.13 3.64 4.09
CA GLU A 283 -31.47 4.04 5.45
C GLU A 283 -32.55 3.13 6.03
N GLN A 284 -33.63 2.93 5.26
CA GLN A 284 -34.66 2.00 5.68
C GLN A 284 -34.07 0.66 6.12
N GLN A 285 -33.21 0.06 5.29
CA GLN A 285 -32.60 -1.20 5.72
C GLN A 285 -31.74 -1.02 6.97
N LYS A 286 -31.13 0.14 7.17
CA LYS A 286 -30.41 0.38 8.41
C LYS A 286 -31.38 0.31 9.59
N LEU A 287 -32.53 0.97 9.46
CA LEU A 287 -33.54 0.94 10.52
C LEU A 287 -34.10 -0.47 10.70
N ASP A 288 -34.62 -1.04 9.61
CA ASP A 288 -35.18 -2.39 9.65
C ASP A 288 -34.20 -3.39 10.28
N VAL A 289 -32.96 -3.41 9.82
CA VAL A 289 -32.00 -4.44 10.30
C VAL A 289 -31.72 -4.25 11.79
N GLU A 290 -31.45 -3.02 12.24
CA GLU A 290 -31.03 -2.84 13.66
C GLU A 290 -32.20 -3.08 14.62
N LYS A 291 -33.45 -2.98 14.17
CA LYS A 291 -34.59 -3.32 15.04
C LYS A 291 -34.61 -4.83 15.21
N ARG A 292 -34.50 -5.57 14.11
CA ARG A 292 -34.54 -7.05 14.13
C ARG A 292 -33.31 -7.58 14.86
N ILE A 293 -32.15 -6.99 14.58
CA ILE A 293 -30.90 -7.37 15.29
C ILE A 293 -31.08 -7.03 16.78
N ASN A 294 -31.88 -6.01 17.11
CA ASN A 294 -32.10 -5.52 18.50
C ASN A 294 -30.86 -4.72 18.89
N HIS A 295 -30.25 -4.06 17.93
CA HIS A 295 -29.11 -3.16 18.17
C HIS A 295 -27.96 -3.83 18.90
N THR A 296 -27.77 -5.14 18.68
CA THR A 296 -26.64 -5.82 19.32
C THR A 296 -25.33 -5.29 18.77
N ILE A 297 -25.32 -4.91 17.50
CA ILE A 297 -24.10 -4.45 16.83
C ILE A 297 -24.47 -3.25 15.96
N PRO A 298 -23.57 -2.27 15.78
CA PRO A 298 -23.89 -1.09 14.95
C PRO A 298 -24.25 -1.43 13.51
N VAL A 299 -25.06 -0.57 12.91
CA VAL A 299 -25.44 -0.64 11.51
C VAL A 299 -25.22 0.73 10.87
N VAL A 300 -24.75 0.73 9.63
CA VAL A 300 -24.49 1.96 8.86
C VAL A 300 -25.11 1.81 7.46
N ASN A 301 -25.64 2.90 6.91
CA ASN A 301 -26.06 2.87 5.51
C ASN A 301 -25.05 3.69 4.70
N ILE A 302 -24.31 2.98 3.86
CA ILE A 302 -23.39 3.53 2.86
C ILE A 302 -23.79 2.90 1.54
N PRO A 303 -24.21 3.68 0.55
CA PRO A 303 -24.77 3.07 -0.67
C PRO A 303 -23.72 2.46 -1.58
N VAL A 304 -24.06 1.32 -2.19
CA VAL A 304 -23.09 0.58 -3.00
C VAL A 304 -22.61 1.38 -4.21
N GLY A 305 -23.38 2.37 -4.64
CA GLY A 305 -23.00 3.06 -5.85
C GLY A 305 -22.85 4.53 -5.64
N TYR A 306 -22.28 5.25 -6.60
CA TYR A 306 -22.15 6.70 -6.55
C TYR A 306 -22.29 7.29 -7.94
N SER A 307 -22.50 8.61 -7.98
CA SER A 307 -22.61 9.33 -9.23
C SER A 307 -21.28 10.02 -9.55
N GLU A 308 -20.90 9.97 -10.82
CA GLU A 308 -19.62 10.52 -11.26
C GLU A 308 -19.84 11.57 -12.34
N THR A 309 -18.78 12.35 -12.58
CA THR A 309 -18.72 13.34 -13.64
C THR A 309 -19.24 12.78 -14.96
N ILE A 310 -20.08 13.57 -15.64
CA ILE A 310 -20.70 13.13 -16.90
C ILE A 310 -20.09 13.91 -18.06
N ASP A 311 -19.15 13.26 -18.73
CA ASP A 311 -18.51 13.78 -19.93
C ASP A 311 -18.84 12.92 -21.16
N THR A 312 -20.12 12.55 -21.31
CA THR A 312 -20.72 12.06 -22.49
C THR A 312 -22.06 12.75 -22.61
N PRO A 313 -22.79 12.67 -23.71
CA PRO A 313 -23.98 13.50 -23.90
C PRO A 313 -25.15 13.08 -23.01
N VAL A 314 -25.92 14.06 -22.55
CA VAL A 314 -27.07 13.82 -21.68
C VAL A 314 -28.33 14.42 -22.31
N GLN A 315 -29.38 13.60 -22.42
CA GLN A 315 -30.69 14.03 -22.91
C GLN A 315 -30.61 14.70 -24.28
N THR A 316 -30.07 13.95 -25.23
CA THR A 316 -30.07 14.36 -26.64
C THR A 316 -31.18 13.57 -27.32
N LEU A 317 -32.41 14.08 -27.19
CA LEU A 317 -33.61 13.29 -27.47
C LEU A 317 -34.11 13.57 -28.88
N ASP A 318 -33.92 12.59 -29.77
CA ASP A 318 -34.55 12.60 -31.08
C ASP A 318 -36.06 12.68 -30.86
N GLN A 319 -36.66 13.78 -31.32
CA GLN A 319 -38.05 14.10 -31.03
C GLN A 319 -39.04 13.19 -31.74
N ARG A 320 -38.56 12.33 -32.65
CA ARG A 320 -39.42 11.43 -33.41
C ARG A 320 -39.53 10.03 -32.78
N SER A 321 -38.51 9.59 -32.04
CA SER A 321 -38.44 8.25 -31.45
C SER A 321 -38.40 8.31 -29.93
N VAL A 322 -38.83 7.21 -29.31
CA VAL A 322 -38.91 7.09 -27.84
C VAL A 322 -38.15 5.82 -27.45
N LYS A 323 -37.00 5.98 -26.82
CA LYS A 323 -36.23 4.84 -26.33
C LYS A 323 -36.58 4.67 -24.85
N LEU A 324 -37.21 3.55 -24.52
CA LEU A 324 -37.27 3.11 -23.12
C LEU A 324 -36.14 2.11 -22.88
N ILE A 325 -35.66 2.02 -21.64
CA ILE A 325 -34.56 1.11 -21.32
C ILE A 325 -34.80 0.36 -20.01
N SER A 326 -34.42 -0.91 -20.01
CA SER A 326 -34.19 -1.71 -18.82
C SER A 326 -32.71 -2.01 -18.70
N VAL A 327 -32.11 -1.69 -17.55
CA VAL A 327 -30.73 -2.12 -17.27
C VAL A 327 -30.74 -3.05 -16.05
N ALA A 328 -30.87 -4.35 -16.31
CA ALA A 328 -31.14 -5.35 -15.28
C ALA A 328 -30.82 -6.73 -15.83
N ARG A 329 -30.19 -7.55 -14.99
CA ARG A 329 -29.85 -8.92 -15.36
C ARG A 329 -31.12 -9.69 -15.70
N TYR A 330 -31.06 -10.51 -16.77
CA TYR A 330 -32.26 -11.25 -17.16
C TYR A 330 -32.57 -12.40 -16.23
N SER A 331 -32.93 -12.10 -14.99
CA SER A 331 -33.35 -13.11 -14.04
C SER A 331 -34.84 -12.94 -13.70
N PRO A 332 -35.49 -14.00 -13.14
CA PRO A 332 -36.93 -13.90 -12.82
C PRO A 332 -37.31 -12.73 -11.91
N GLU A 333 -36.51 -12.42 -10.88
CA GLU A 333 -36.85 -11.36 -9.93
C GLU A 333 -37.05 -10.03 -10.62
N LYS A 334 -36.40 -9.82 -11.79
CA LYS A 334 -36.48 -8.52 -12.42
C LYS A 334 -37.77 -8.34 -13.20
N GLN A 335 -38.52 -9.44 -13.41
CA GLN A 335 -39.89 -9.45 -13.96
C GLN A 335 -39.98 -8.76 -15.32
N LEU A 336 -39.02 -9.07 -16.21
CA LEU A 336 -38.89 -8.31 -17.44
C LEU A 336 -40.00 -8.61 -18.45
N HIS A 337 -40.67 -9.75 -18.32
CA HIS A 337 -41.81 -10.05 -19.21
C HIS A 337 -42.90 -8.99 -19.08
N GLN A 338 -43.09 -8.42 -17.87
CA GLN A 338 -44.09 -7.36 -17.67
C GLN A 338 -43.80 -6.16 -18.55
N GLN A 339 -42.51 -5.90 -18.77
CA GLN A 339 -42.06 -4.82 -19.64
C GLN A 339 -42.29 -5.17 -21.11
N ILE A 340 -42.04 -6.42 -21.51
CA ILE A 340 -42.42 -6.83 -22.86
C ILE A 340 -43.93 -6.68 -23.05
N GLU A 341 -44.72 -7.14 -22.06
CA GLU A 341 -46.16 -6.88 -22.05
C GLU A 341 -46.46 -5.41 -22.22
N LEU A 342 -45.85 -4.57 -21.38
CA LEU A 342 -46.15 -3.14 -21.44
C LEU A 342 -45.89 -2.60 -22.83
N ILE A 343 -44.76 -3.00 -23.42
CA ILE A 343 -44.43 -2.53 -24.76
C ILE A 343 -45.43 -3.11 -25.76
N LYS A 344 -46.04 -4.26 -25.46
CA LYS A 344 -47.04 -4.85 -26.34
C LYS A 344 -48.24 -3.92 -26.52
N ARG A 345 -48.90 -3.54 -25.44
CA ARG A 345 -50.11 -2.73 -25.50
C ARG A 345 -49.82 -1.24 -25.62
N LEU A 346 -48.58 -0.88 -25.92
CA LEU A 346 -48.18 0.51 -26.02
C LEU A 346 -47.70 0.91 -27.40
N VAL A 347 -47.53 -0.03 -28.34
CA VAL A 347 -47.00 0.37 -29.64
C VAL A 347 -48.04 1.13 -30.40
N SER A 348 -49.32 0.82 -30.15
CA SER A 348 -50.40 1.43 -30.91
C SER A 348 -50.57 2.90 -30.55
N TYR A 349 -50.24 3.27 -29.31
CA TYR A 349 -50.23 4.69 -28.95
C TYR A 349 -48.95 5.37 -29.38
N VAL A 350 -47.81 4.68 -29.25
CA VAL A 350 -46.52 5.22 -29.66
C VAL A 350 -45.83 4.23 -30.58
N PRO A 351 -46.13 4.20 -31.87
CA PRO A 351 -45.32 3.41 -32.78
C PRO A 351 -43.99 4.10 -32.98
N LYS A 352 -43.01 3.33 -33.44
CA LYS A 352 -41.59 3.70 -33.43
C LYS A 352 -41.03 3.79 -31.99
N ILE A 353 -41.71 3.16 -31.01
CA ILE A 353 -41.22 3.03 -29.65
C ILE A 353 -40.26 1.85 -29.57
N GLU A 354 -39.19 2.00 -28.79
CA GLU A 354 -38.19 0.98 -28.63
C GLU A 354 -37.95 0.68 -27.14
N LEU A 355 -37.73 -0.59 -26.84
CA LEU A 355 -37.27 -1.01 -25.53
C LEU A 355 -35.95 -1.76 -25.68
N HIS A 356 -34.89 -1.23 -25.07
CA HIS A 356 -33.56 -1.82 -25.09
C HIS A 356 -33.33 -2.43 -23.71
N MSE A 357 -33.17 -3.75 -23.67
CA MSE A 357 -32.97 -4.44 -22.41
C MSE A 357 -31.51 -4.85 -22.24
O MSE A 357 -31.08 -5.80 -22.86
CB MSE A 357 -33.86 -5.66 -22.34
CG MSE A 357 -35.22 -5.42 -22.90
SE MSE A 357 -36.56 -6.55 -22.11
CE MSE A 357 -36.83 -5.60 -20.44
N TYR A 358 -30.78 -4.14 -21.41
CA TYR A 358 -29.39 -4.46 -21.19
C TYR A 358 -29.25 -5.43 -20.04
N GLY A 359 -28.66 -6.57 -20.31
CA GLY A 359 -28.35 -7.58 -19.33
C GLY A 359 -28.04 -8.84 -20.06
N PHE A 360 -27.53 -9.82 -19.31
CA PHE A 360 -27.60 -11.21 -19.74
C PHE A 360 -27.71 -12.07 -18.50
N GLY A 361 -28.81 -12.82 -18.43
CA GLY A 361 -28.97 -13.90 -17.47
C GLY A 361 -29.65 -15.12 -18.06
N SER A 362 -30.29 -15.91 -17.19
CA SER A 362 -30.86 -17.21 -17.60
C SER A 362 -32.16 -17.06 -18.39
N GLU A 363 -32.90 -15.95 -18.20
CA GLU A 363 -34.23 -15.80 -18.81
C GLU A 363 -34.14 -15.33 -20.26
N SER A 364 -32.93 -15.29 -20.81
CA SER A 364 -32.69 -14.83 -22.17
C SER A 364 -33.66 -15.46 -23.15
N LYS A 365 -33.79 -16.79 -23.13
CA LYS A 365 -34.58 -17.46 -24.16
C LYS A 365 -36.07 -17.29 -23.89
N LYS A 366 -36.47 -17.33 -22.62
CA LYS A 366 -37.85 -17.07 -22.30
C LYS A 366 -38.26 -15.65 -22.73
N LEU A 367 -37.37 -14.66 -22.51
CA LEU A 367 -37.66 -13.27 -22.88
C LEU A 367 -37.73 -13.09 -24.40
N ASN A 368 -36.76 -13.68 -25.12
CA ASN A 368 -36.76 -13.66 -26.57
C ASN A 368 -37.99 -14.33 -27.17
N GLU A 369 -38.52 -15.37 -26.51
CA GLU A 369 -39.69 -16.03 -27.04
C GLU A 369 -40.89 -15.07 -27.09
N LEU A 370 -40.97 -14.12 -26.16
CA LEU A 370 -42.09 -13.19 -26.15
C LEU A 370 -41.94 -12.06 -27.17
N ILE A 371 -40.75 -11.46 -27.26
CA ILE A 371 -40.60 -10.39 -28.24
C ILE A 371 -40.92 -10.95 -29.62
N GLN A 372 -40.61 -12.23 -29.84
CA GLN A 372 -40.95 -12.91 -31.09
C GLN A 372 -42.46 -13.17 -31.19
N LYS A 373 -43.04 -13.84 -30.18
CA LYS A 373 -44.47 -14.14 -30.15
C LYS A 373 -45.32 -12.91 -30.46
N TYR A 374 -45.11 -11.82 -29.73
CA TYR A 374 -45.93 -10.62 -29.91
C TYR A 374 -45.57 -9.77 -31.14
N GLY A 375 -44.64 -10.23 -31.98
CA GLY A 375 -44.27 -9.47 -33.15
C GLY A 375 -43.36 -8.29 -32.87
N LEU A 376 -42.73 -8.27 -31.71
CA LEU A 376 -42.00 -7.09 -31.26
C LEU A 376 -40.54 -7.07 -31.71
N GLU A 377 -40.21 -7.82 -32.77
CA GLU A 377 -38.84 -7.92 -33.28
C GLU A 377 -38.21 -6.56 -33.54
N ASN A 378 -38.99 -5.61 -34.04
CA ASN A 378 -38.48 -4.32 -34.45
C ASN A 378 -38.75 -3.24 -33.42
N HIS A 379 -39.08 -3.62 -32.20
CA HIS A 379 -39.40 -2.67 -31.14
C HIS A 379 -38.77 -3.02 -29.80
N VAL A 380 -38.44 -4.29 -29.55
CA VAL A 380 -37.77 -4.66 -28.30
C VAL A 380 -36.46 -5.38 -28.63
N TYR A 381 -35.41 -5.02 -27.91
CA TYR A 381 -34.07 -5.50 -28.24
C TYR A 381 -33.43 -6.07 -26.98
N LEU A 382 -32.90 -7.30 -27.08
CA LEU A 382 -32.15 -7.88 -25.98
C LEU A 382 -30.66 -7.57 -26.19
N ARG A 383 -30.28 -6.34 -25.83
CA ARG A 383 -28.90 -5.90 -25.95
C ARG A 383 -28.09 -6.55 -24.85
N GLY A 384 -27.06 -7.31 -25.22
CA GLY A 384 -26.27 -8.00 -24.22
C GLY A 384 -25.63 -7.07 -23.20
N PHE A 385 -25.30 -7.64 -22.05
CA PHE A 385 -24.67 -6.87 -20.95
C PHE A 385 -23.53 -6.06 -21.53
N LEU A 386 -23.34 -4.89 -21.23
CA LEU A 386 -22.14 -4.14 -21.65
C LEU A 386 -21.89 -3.06 -20.60
N SER A 387 -20.76 -2.80 -20.23
CA SER A 387 -20.43 -1.70 -19.30
C SER A 387 -20.35 -0.43 -20.15
N ASN A 388 -19.93 0.69 -19.57
CA ASN A 388 -19.95 1.97 -20.28
C ASN A 388 -21.22 2.10 -21.11
N LEU A 389 -22.34 2.11 -20.42
CA LEU A 389 -23.62 2.39 -21.05
C LEU A 389 -23.83 3.89 -21.26
N ASP A 390 -22.79 4.70 -21.04
CA ASP A 390 -22.93 6.15 -21.12
C ASP A 390 -23.46 6.59 -22.48
N GLN A 391 -22.95 6.01 -23.57
CA GLN A 391 -23.50 6.38 -24.87
C GLN A 391 -24.94 5.93 -24.96
N GLU A 392 -25.25 4.89 -24.21
CA GLU A 392 -26.50 4.18 -24.31
C GLU A 392 -27.59 4.80 -23.45
N TYR A 393 -27.22 5.67 -22.52
CA TYR A 393 -28.16 6.50 -21.78
C TYR A 393 -28.51 7.79 -22.51
N SER A 394 -27.87 8.08 -23.66
CA SER A 394 -27.92 9.45 -24.18
C SER A 394 -29.29 9.77 -24.74
N ASP A 395 -29.85 8.86 -25.50
CA ASP A 395 -31.15 9.01 -26.12
C ASP A 395 -32.28 8.37 -25.30
N ALA A 396 -32.00 7.95 -24.06
CA ALA A 396 -33.02 7.26 -23.27
C ALA A 396 -34.07 8.25 -22.77
N TYR A 397 -35.33 7.88 -22.92
CA TYR A 397 -36.44 8.67 -22.42
C TYR A 397 -36.75 8.32 -20.97
N LEU A 398 -36.83 7.02 -20.68
CA LEU A 398 -37.19 6.56 -19.35
C LEU A 398 -36.40 5.30 -19.04
N SER A 399 -36.24 5.05 -17.75
CA SER A 399 -35.76 3.78 -17.25
C SER A 399 -36.92 3.04 -16.57
N LEU A 400 -36.93 1.73 -16.71
CA LEU A 400 -37.95 0.91 -16.06
C LEU A 400 -37.28 0.03 -15.01
N ILE A 401 -37.88 -0.06 -13.83
CA ILE A 401 -37.68 -1.17 -12.91
C ILE A 401 -39.04 -1.84 -12.68
N THR A 402 -39.11 -3.15 -12.92
CA THR A 402 -40.31 -3.90 -12.51
C THR A 402 -39.95 -5.10 -11.64
N SER A 403 -38.76 -5.08 -11.01
CA SER A 403 -38.42 -6.14 -10.08
C SER A 403 -39.33 -6.02 -8.85
N ASN A 404 -39.16 -6.96 -7.91
CA ASN A 404 -39.99 -6.99 -6.69
C ASN A 404 -39.07 -6.88 -5.49
N MSE A 405 -37.81 -7.26 -5.67
CA MSE A 405 -36.80 -7.19 -4.59
C MSE A 405 -35.54 -6.62 -5.24
O MSE A 405 -35.21 -7.08 -6.34
CB MSE A 405 -36.53 -8.62 -4.13
CG MSE A 405 -35.18 -8.83 -3.48
SE MSE A 405 -34.99 -10.73 -3.08
CE MSE A 405 -35.76 -11.77 -4.55
N GLU A 406 -34.87 -5.66 -4.60
CA GLU A 406 -33.71 -5.05 -5.31
C GLU A 406 -32.61 -4.57 -4.35
N GLY A 407 -32.94 -4.12 -3.14
CA GLY A 407 -31.90 -3.51 -2.30
C GLY A 407 -31.45 -2.24 -3.01
N PHE A 408 -30.24 -1.74 -2.77
CA PHE A 408 -29.86 -0.56 -3.58
C PHE A 408 -29.77 -0.98 -5.04
N SER A 409 -30.38 -0.20 -5.92
CA SER A 409 -30.31 -0.49 -7.36
C SER A 409 -29.21 0.33 -8.05
N LEU A 410 -28.08 -0.30 -8.33
CA LEU A 410 -27.00 0.41 -9.03
C LEU A 410 -27.49 0.96 -10.38
N ALA A 411 -28.29 0.21 -11.11
CA ALA A 411 -28.73 0.71 -12.41
C ALA A 411 -29.71 1.85 -12.25
N LEU A 412 -30.44 1.90 -11.13
CA LEU A 412 -31.34 3.03 -10.86
C LEU A 412 -30.55 4.32 -10.72
N LEU A 413 -29.57 4.36 -9.79
CA LEU A 413 -28.72 5.54 -9.62
C LEU A 413 -28.03 5.90 -10.93
N GLU A 414 -27.52 4.90 -11.66
CA GLU A 414 -26.82 5.17 -12.92
C GLU A 414 -27.72 5.92 -13.92
N SER A 415 -29.02 5.60 -13.96
CA SER A 415 -29.97 6.33 -14.79
C SER A 415 -30.05 7.79 -14.39
N LEU A 416 -30.32 8.05 -13.11
CA LEU A 416 -30.48 9.40 -12.58
C LEU A 416 -29.26 10.25 -12.91
N ALA A 417 -28.08 9.66 -12.76
CA ALA A 417 -26.80 10.31 -13.08
C ALA A 417 -26.71 10.73 -14.55
N HIS A 418 -27.34 9.99 -15.47
CA HIS A 418 -27.36 10.37 -16.87
C HIS A 418 -28.58 11.18 -17.23
N GLY A 419 -29.32 11.68 -16.23
CA GLY A 419 -30.51 12.50 -16.45
C GLY A 419 -31.70 11.72 -17.00
N VAL A 420 -31.76 10.43 -16.73
CA VAL A 420 -32.86 9.62 -17.30
C VAL A 420 -33.76 9.22 -16.17
N PRO A 421 -34.97 9.81 -16.03
CA PRO A 421 -35.89 9.43 -14.94
C PRO A 421 -36.31 7.98 -15.04
N VAL A 422 -36.73 7.41 -13.89
CA VAL A 422 -37.07 5.98 -13.83
C VAL A 422 -38.46 5.78 -13.19
N ILE A 423 -39.23 4.85 -13.76
CA ILE A 423 -40.56 4.47 -13.32
C ILE A 423 -40.47 3.04 -12.82
N SER A 424 -40.71 2.85 -11.54
CA SER A 424 -40.38 1.60 -10.85
C SER A 424 -41.46 1.26 -9.84
N TYR A 425 -41.79 -0.03 -9.73
CA TYR A 425 -42.64 -0.46 -8.64
C TYR A 425 -42.06 0.02 -7.31
N ASP A 426 -42.94 0.28 -6.36
CA ASP A 426 -42.57 0.92 -5.11
C ASP A 426 -42.19 -0.17 -4.11
N ILE A 427 -40.92 -0.61 -4.21
CA ILE A 427 -40.46 -1.75 -3.45
C ILE A 427 -39.31 -1.40 -2.53
N LYS A 428 -38.87 -2.37 -1.75
CA LYS A 428 -37.76 -2.24 -0.83
C LYS A 428 -36.58 -3.07 -1.33
N TYR A 429 -35.36 -2.62 -1.05
CA TYR A 429 -35.01 -1.26 -0.64
C TYR A 429 -34.63 -0.51 -1.89
N GLY A 430 -34.27 0.75 -1.80
CA GLY A 430 -33.68 1.36 -2.96
C GLY A 430 -34.57 2.36 -3.65
N PRO A 431 -35.48 1.90 -4.55
CA PRO A 431 -36.36 2.84 -5.26
C PRO A 431 -37.06 3.86 -4.36
N ASN A 432 -37.65 3.37 -3.26
CA ASN A 432 -38.24 4.25 -2.26
C ASN A 432 -37.33 5.44 -1.95
N GLU A 433 -36.04 5.18 -1.70
CA GLU A 433 -35.09 6.20 -1.29
C GLU A 433 -34.66 7.07 -2.47
N LEU A 434 -34.41 6.38 -3.63
CA LEU A 434 -33.85 7.12 -4.79
C LEU A 434 -34.92 7.85 -5.61
N ILE A 435 -36.16 7.43 -5.59
CA ILE A 435 -37.20 8.03 -6.42
C ILE A 435 -38.19 8.76 -5.52
N THR A 436 -38.50 10.00 -5.89
CA THR A 436 -39.63 10.76 -5.35
C THR A 436 -40.62 10.99 -6.47
N SER A 437 -41.82 10.40 -6.35
CA SER A 437 -42.74 10.40 -7.47
C SER A 437 -43.11 11.82 -7.80
N ASP A 438 -42.99 12.14 -9.07
CA ASP A 438 -43.10 13.49 -9.59
C ASP A 438 -41.93 14.38 -9.20
N PHE A 439 -40.80 13.79 -8.79
CA PHE A 439 -39.54 14.52 -8.71
C PHE A 439 -38.54 14.06 -9.77
N ASN A 440 -38.36 12.75 -9.95
CA ASN A 440 -37.34 12.26 -10.87
C ASN A 440 -37.73 10.90 -11.41
N GLY A 441 -38.98 10.74 -11.76
CA GLY A 441 -39.58 9.45 -12.04
C GLY A 441 -40.76 9.25 -11.11
N TYR A 442 -41.36 8.08 -11.20
CA TYR A 442 -42.57 7.77 -10.44
C TYR A 442 -42.43 6.43 -9.75
N LEU A 443 -42.92 6.34 -8.53
CA LEU A 443 -43.08 5.04 -7.86
C LEU A 443 -44.46 4.49 -8.18
N ILE A 444 -44.50 3.25 -8.72
CA ILE A 444 -45.71 2.52 -9.09
C ILE A 444 -46.02 1.45 -8.04
N THR A 445 -47.31 1.10 -7.88
CA THR A 445 -47.69 0.05 -6.93
C THR A 445 -47.27 -1.32 -7.43
N LYS A 446 -46.77 -2.17 -6.51
CA LYS A 446 -46.19 -3.46 -6.88
C LYS A 446 -47.08 -4.23 -7.83
N ASN A 447 -46.46 -4.78 -8.87
CA ASN A 447 -47.12 -5.62 -9.86
C ASN A 447 -48.40 -5.05 -10.47
N ASP A 448 -48.66 -3.76 -10.29
CA ASP A 448 -49.86 -3.09 -10.80
C ASP A 448 -49.59 -2.57 -12.22
N GLU A 449 -49.52 -3.51 -13.17
CA GLU A 449 -49.08 -3.21 -14.53
C GLU A 449 -49.95 -2.19 -15.26
N ASP A 450 -51.20 -2.01 -14.81
CA ASP A 450 -52.04 -1.00 -15.44
C ASP A 450 -51.61 0.37 -14.97
N ALA A 451 -51.32 0.50 -13.67
CA ALA A 451 -50.73 1.72 -13.15
C ALA A 451 -49.42 2.03 -13.86
N LEU A 452 -48.62 0.98 -14.10
CA LEU A 452 -47.35 1.10 -14.81
C LEU A 452 -47.57 1.67 -16.21
N PHE A 453 -48.42 1.01 -16.99
CA PHE A 453 -48.73 1.45 -18.34
C PHE A 453 -49.23 2.89 -18.37
N ASP A 454 -50.07 3.27 -17.40
CA ASP A 454 -50.65 4.60 -17.37
C ASP A 454 -49.57 5.68 -17.24
N LYS A 455 -48.68 5.54 -16.25
CA LYS A 455 -47.68 6.58 -16.03
C LYS A 455 -46.66 6.60 -17.16
N VAL A 456 -46.21 5.41 -17.59
CA VAL A 456 -45.27 5.37 -18.71
C VAL A 456 -45.89 6.06 -19.91
N LYS A 457 -47.21 5.87 -20.09
CA LYS A 457 -47.91 6.48 -21.22
C LYS A 457 -48.06 7.98 -21.01
N TYR A 458 -48.43 8.37 -19.80
CA TYR A 458 -48.50 9.78 -19.45
C TYR A 458 -47.15 10.46 -19.70
N VAL A 459 -46.06 9.86 -19.24
CA VAL A 459 -44.75 10.49 -19.39
C VAL A 459 -44.33 10.55 -20.86
N ILE A 460 -44.70 9.55 -21.66
CA ILE A 460 -44.39 9.64 -23.09
C ILE A 460 -45.24 10.73 -23.75
N ASP A 461 -46.43 11.01 -23.19
CA ASP A 461 -47.32 12.03 -23.75
C ASP A 461 -46.73 13.43 -23.59
N HIS A 462 -46.39 13.84 -22.35
CA HIS A 462 -45.94 15.21 -22.06
C HIS A 462 -44.44 15.31 -21.88
N PRO A 463 -43.66 15.57 -22.93
CA PRO A 463 -42.21 15.68 -22.75
C PRO A 463 -41.81 16.77 -21.79
N GLU A 464 -42.69 17.75 -21.54
CA GLU A 464 -42.38 18.80 -20.58
C GLU A 464 -42.14 18.21 -19.20
N VAL A 465 -42.74 17.05 -18.92
CA VAL A 465 -42.57 16.33 -17.67
C VAL A 465 -41.25 15.56 -17.68
N GLN A 466 -40.98 14.80 -18.74
CA GLN A 466 -39.70 14.10 -18.87
C GLN A 466 -38.53 15.06 -18.61
N GLN A 467 -38.59 16.27 -19.18
CA GLN A 467 -37.50 17.23 -18.99
C GLN A 467 -37.43 17.71 -17.55
N ARG A 468 -38.58 17.95 -16.93
CA ARG A 468 -38.60 18.35 -15.53
C ARG A 468 -38.02 17.26 -14.64
N LEU A 469 -38.48 16.02 -14.86
CA LEU A 469 -38.01 14.87 -14.10
C LEU A 469 -36.53 14.60 -14.37
N SER A 470 -36.13 14.59 -15.64
CA SER A 470 -34.71 14.46 -16.01
C SER A 470 -33.81 15.47 -15.28
N LYS A 471 -34.31 16.70 -15.09
CA LYS A 471 -33.55 17.67 -14.31
C LYS A 471 -33.36 17.14 -12.89
N GLY A 472 -34.46 16.96 -12.18
CA GLY A 472 -34.39 16.50 -10.79
C GLY A 472 -33.72 15.17 -10.62
N SER A 473 -33.65 14.37 -11.69
CA SER A 473 -32.80 13.18 -11.72
C SER A 473 -31.34 13.54 -11.45
N LEU A 474 -30.84 14.55 -12.17
CA LEU A 474 -29.46 14.97 -11.99
C LEU A 474 -29.26 15.48 -10.58
N ALA A 475 -30.26 16.22 -10.09
CA ALA A 475 -30.23 16.73 -8.72
C ALA A 475 -30.03 15.59 -7.74
N LYS A 476 -30.93 14.59 -7.78
CA LYS A 476 -30.86 13.46 -6.86
C LYS A 476 -29.55 12.70 -7.03
N ALA A 477 -29.10 12.56 -8.29
CA ALA A 477 -27.82 11.91 -8.57
C ALA A 477 -26.70 12.56 -7.77
N GLN A 478 -26.83 13.84 -7.44
CA GLN A 478 -25.75 14.56 -6.77
C GLN A 478 -25.63 14.19 -5.30
N GLN A 479 -26.75 13.88 -4.63
CA GLN A 479 -26.68 13.48 -3.23
C GLN A 479 -25.84 12.22 -3.03
N TYR A 480 -25.58 11.48 -4.10
CA TYR A 480 -24.77 10.27 -4.07
C TYR A 480 -23.46 10.46 -4.83
N SER A 481 -22.93 11.68 -4.78
CA SER A 481 -21.71 12.04 -5.50
C SER A 481 -20.51 11.27 -4.94
N LYS A 482 -19.50 11.06 -5.80
CA LYS A 482 -18.28 10.35 -5.41
C LYS A 482 -17.63 10.96 -4.17
N ALA A 483 -17.75 12.28 -3.98
CA ALA A 483 -17.19 12.88 -2.78
C ALA A 483 -18.00 12.51 -1.55
N SER A 484 -19.34 12.52 -1.67
CA SER A 484 -20.21 12.16 -0.57
C SER A 484 -19.89 10.79 -0.01
N LEU A 485 -19.41 9.89 -0.87
CA LEU A 485 -19.16 8.54 -0.41
C LEU A 485 -17.71 8.31 -0.03
N ILE A 486 -16.76 9.03 -0.66
CA ILE A 486 -15.37 8.97 -0.18
C ILE A 486 -15.32 9.39 1.29
N LYS A 487 -15.92 10.53 1.60
CA LYS A 487 -16.02 11.00 2.99
C LYS A 487 -16.76 9.98 3.84
N GLN A 488 -17.97 9.63 3.43
CA GLN A 488 -18.80 8.68 4.16
C GLN A 488 -18.06 7.38 4.42
N TRP A 489 -17.20 6.97 3.48
CA TRP A 489 -16.42 5.76 3.69
C TRP A 489 -15.26 6.02 4.63
N ASP A 490 -14.64 7.19 4.51
CA ASP A 490 -13.51 7.55 5.35
C ASP A 490 -13.94 7.68 6.81
N GLN A 491 -15.07 8.34 7.04
CA GLN A 491 -15.60 8.44 8.40
C GLN A 491 -15.87 7.06 8.99
N PHE A 492 -16.44 6.14 8.19
CA PHE A 492 -16.79 4.83 8.72
C PHE A 492 -15.54 4.07 9.15
N VAL A 493 -14.50 4.14 8.33
CA VAL A 493 -13.28 3.35 8.58
C VAL A 493 -12.56 3.90 9.81
N ARG A 494 -12.55 5.21 9.98
CA ARG A 494 -11.87 5.83 11.12
C ARG A 494 -12.54 5.42 12.42
N LEU A 495 -13.87 5.50 12.48
CA LEU A 495 -14.60 5.06 13.66
C LEU A 495 -14.32 3.61 14.04
N ILE A 496 -13.61 2.87 13.20
CA ILE A 496 -13.39 1.45 13.41
C ILE A 496 -11.91 1.08 13.32
N MSE B 1 0.83 5.60 -2.66
CA MSE B 1 2.08 5.41 -1.90
C MSE B 1 3.02 6.59 -1.87
O MSE B 1 3.46 7.05 -2.92
CB MSE B 1 2.89 4.24 -2.41
CG MSE B 1 2.88 3.07 -1.45
SE MSE B 1 4.01 3.32 0.10
CE MSE B 1 3.39 1.83 1.14
N ASN B 2 3.35 7.05 -0.66
CA ASN B 2 4.25 8.17 -0.48
C ASN B 2 5.60 7.61 -0.08
N TYR B 3 6.65 8.02 -0.80
CA TYR B 3 8.02 7.50 -0.65
C TYR B 3 8.94 8.65 -0.26
N PHE B 4 9.51 8.58 0.95
CA PHE B 4 10.51 9.55 1.42
C PHE B 4 11.89 9.00 1.10
N VAL B 5 12.72 9.79 0.44
CA VAL B 5 13.93 9.24 -0.22
C VAL B 5 15.20 9.86 0.38
N GLY B 6 15.95 9.04 1.13
CA GLY B 6 17.22 9.48 1.69
C GLY B 6 18.34 8.53 1.30
N ASN B 7 19.50 8.65 1.93
CA ASN B 7 20.63 7.77 1.60
C ASN B 7 20.55 6.41 2.29
N SER B 8 20.75 6.37 3.61
CA SER B 8 20.38 5.19 4.40
C SER B 8 20.29 5.60 5.88
N LEU B 9 20.23 4.62 6.78
CA LEU B 9 20.20 4.82 8.23
C LEU B 9 21.52 4.38 8.82
N GLY B 10 22.08 5.17 9.73
CA GLY B 10 23.35 4.84 10.34
C GLY B 10 23.18 4.21 11.67
N VAL B 11 24.28 3.72 12.24
CA VAL B 11 24.22 3.10 13.56
C VAL B 11 23.64 4.09 14.57
N ASN B 12 23.95 5.36 14.38
CA ASN B 12 23.40 6.47 15.12
C ASN B 12 22.60 7.33 14.13
N LEU B 13 21.32 7.53 14.41
CA LEU B 13 20.47 8.26 13.48
C LEU B 13 20.82 9.73 13.41
N THR B 14 20.89 10.23 12.19
CA THR B 14 21.11 11.64 11.89
C THR B 14 19.80 12.41 11.92
N GLY B 15 19.94 13.74 11.81
CA GLY B 15 18.78 14.62 11.86
C GLY B 15 17.79 14.31 10.77
N ILE B 16 18.25 14.16 9.54
CA ILE B 16 17.37 13.81 8.43
C ILE B 16 16.77 12.44 8.66
N GLU B 17 17.63 11.47 8.97
CA GLU B 17 17.20 10.11 9.24
C GLU B 17 16.08 10.10 10.28
N LYS B 18 16.26 10.85 11.38
CA LYS B 18 15.18 10.98 12.35
C LYS B 18 13.94 11.59 11.69
N ALA B 19 14.13 12.58 10.83
CA ALA B 19 13.01 13.24 10.17
C ALA B 19 12.21 12.28 9.27
N ILE B 20 12.90 11.49 8.43
CA ILE B 20 12.22 10.49 7.59
C ILE B 20 11.42 9.50 8.44
N ILE B 21 11.94 9.12 9.61
CA ILE B 21 11.19 8.21 10.44
C ILE B 21 9.99 8.93 11.06
N ASN B 22 10.20 10.19 11.46
CA ASN B 22 9.09 10.96 12.03
C ASN B 22 7.95 11.14 11.04
N ARG B 23 8.27 11.52 9.82
CA ARG B 23 7.24 11.58 8.78
C ARG B 23 6.54 10.23 8.60
N LEU B 24 7.29 9.13 8.66
CA LEU B 24 6.68 7.83 8.46
C LEU B 24 5.69 7.53 9.57
N ASN B 25 6.11 7.71 10.82
CA ASN B 25 5.23 7.38 11.93
C ASN B 25 3.99 8.22 11.86
N LEU B 26 4.14 9.47 11.44
CA LEU B 26 2.99 10.34 11.28
C LEU B 26 2.00 9.77 10.29
N PHE B 27 2.47 9.49 9.05
CA PHE B 27 1.58 8.94 8.01
C PHE B 27 0.98 7.61 8.47
N LYS B 28 1.80 6.77 9.13
CA LYS B 28 1.32 5.47 9.60
C LYS B 28 0.12 5.63 10.53
N GLU B 29 0.17 6.59 11.44
CA GLU B 29 -0.97 6.80 12.35
C GLU B 29 -2.19 7.28 11.56
N MSE B 30 -2.00 8.22 10.63
CA MSE B 30 -3.12 8.88 10.00
C MSE B 30 -3.71 7.99 8.91
O MSE B 30 -4.83 8.20 8.44
CB MSE B 30 -2.72 10.21 9.42
CG MSE B 30 -1.66 10.15 8.40
SE MSE B 30 -1.73 11.66 7.15
CE MSE B 30 -3.32 11.12 6.20
N GLY B 31 -2.95 6.97 8.52
CA GLY B 31 -3.47 5.87 7.73
C GLY B 31 -3.19 5.95 6.24
N ARG B 32 -2.44 6.98 5.80
CA ARG B 32 -1.99 7.10 4.42
C ARG B 32 -0.76 6.22 4.22
N PRO B 33 -0.71 5.36 3.20
CA PRO B 33 0.46 4.50 3.03
C PRO B 33 1.72 5.32 2.77
N ALA B 34 2.82 4.85 3.34
CA ALA B 34 4.10 5.51 3.11
C ALA B 34 5.20 4.53 3.44
N GLN B 35 6.38 4.78 2.88
CA GLN B 35 7.50 3.90 3.22
C GLN B 35 8.81 4.58 2.78
N CYS B 36 9.86 4.38 3.58
CA CYS B 36 11.15 5.05 3.37
C CYS B 36 11.90 4.36 2.24
N VAL B 37 12.59 5.15 1.43
CA VAL B 37 13.50 4.63 0.42
C VAL B 37 14.92 4.98 0.84
N PHE B 38 15.83 4.00 0.72
CA PHE B 38 17.25 4.21 0.97
C PHE B 38 18.09 3.80 -0.23
N LEU B 39 19.09 4.62 -0.56
CA LEU B 39 19.83 4.45 -1.81
C LEU B 39 21.13 3.67 -1.63
N SER B 40 22.07 4.17 -0.83
CA SER B 40 23.40 3.56 -0.80
C SER B 40 23.29 2.12 -0.29
N TRP B 41 24.16 1.27 -0.83
CA TRP B 41 24.47 -0.07 -0.35
C TRP B 41 24.86 0.01 1.11
N ASN B 42 24.13 -0.69 1.97
CA ASN B 42 24.46 -0.66 3.39
C ASN B 42 24.04 -2.00 3.99
N ARG B 43 25.05 -2.88 4.18
CA ARG B 43 24.76 -4.26 4.56
C ARG B 43 24.37 -4.39 6.02
N TYR B 44 24.48 -3.31 6.80
CA TYR B 44 23.94 -3.29 8.16
C TYR B 44 22.61 -2.53 8.27
N LEU B 45 21.97 -2.19 7.14
CA LEU B 45 20.77 -1.38 7.21
C LEU B 45 19.68 -2.09 8.00
N TYR B 46 19.55 -3.41 7.82
CA TYR B 46 18.47 -4.11 8.48
C TYR B 46 18.67 -4.13 9.99
N ARG B 47 19.92 -4.02 10.45
CA ARG B 47 20.21 -3.98 11.87
C ARG B 47 20.06 -2.56 12.39
N ASN B 48 20.60 -1.59 11.64
CA ASN B 48 20.39 -0.18 11.93
C ASN B 48 18.92 0.16 12.07
N ALA B 49 18.06 -0.40 11.23
CA ALA B 49 16.66 0.01 11.26
C ALA B 49 15.79 -0.77 12.24
N GLN B 50 16.37 -1.75 12.99
CA GLN B 50 15.56 -2.68 13.77
C GLN B 50 14.66 -1.97 14.78
N ASN B 51 15.15 -0.87 15.39
CA ASN B 51 14.45 -0.22 16.49
C ASN B 51 13.47 0.86 16.04
N TYR B 52 13.45 1.23 14.77
CA TYR B 52 12.74 2.43 14.34
C TYR B 52 11.63 2.12 13.35
N ILE B 53 11.85 1.23 12.38
CA ILE B 53 10.84 0.93 11.36
C ILE B 53 10.95 -0.54 11.05
N THR B 54 9.86 -1.10 10.50
CA THR B 54 9.87 -2.50 10.14
C THR B 54 10.67 -2.74 8.86
N SER B 55 10.85 -4.02 8.54
CA SER B 55 11.36 -4.36 7.21
C SER B 55 10.28 -4.20 6.17
N SER B 56 9.02 -4.07 6.59
CA SER B 56 7.96 -3.77 5.63
C SER B 56 7.90 -2.29 5.29
N ASP B 57 8.60 -1.46 6.06
CA ASP B 57 8.47 0.00 6.01
C ASP B 57 9.43 0.66 5.06
N TYR B 58 10.39 -0.08 4.49
CA TYR B 58 11.53 0.50 3.81
C TYR B 58 11.98 -0.38 2.66
N ILE B 59 12.44 0.28 1.60
CA ILE B 59 12.96 -0.34 0.37
C ILE B 59 14.34 0.25 0.10
N ASN B 60 15.39 -0.59 0.20
CA ASN B 60 16.75 -0.17 -0.16
C ASN B 60 17.07 -0.61 -1.59
N MSE B 61 17.59 0.32 -2.40
CA MSE B 61 17.73 0.00 -3.83
C MSE B 61 18.69 -1.16 -4.10
O MSE B 61 18.48 -1.92 -5.03
CB MSE B 61 18.16 1.22 -4.66
CG MSE B 61 19.60 1.59 -4.58
SE MSE B 61 20.17 3.03 -5.81
CE MSE B 61 19.24 2.50 -7.36
N TYR B 62 19.71 -1.32 -3.26
CA TYR B 62 20.55 -2.50 -3.41
C TYR B 62 19.81 -3.77 -3.00
N ASP B 63 19.15 -3.76 -1.85
CA ASP B 63 18.26 -4.87 -1.51
C ASP B 63 17.32 -5.22 -2.65
N PHE B 64 16.79 -4.19 -3.33
CA PHE B 64 15.81 -4.38 -4.40
C PHE B 64 16.40 -5.19 -5.54
N PHE B 65 17.50 -4.70 -6.11
CA PHE B 65 18.13 -5.42 -7.21
C PHE B 65 18.80 -6.70 -6.74
N GLN B 66 19.24 -6.74 -5.48
CA GLN B 66 19.75 -7.95 -4.85
C GLN B 66 18.64 -8.89 -4.45
N GLU B 67 17.39 -8.56 -4.77
CA GLU B 67 16.25 -9.42 -4.48
C GLU B 67 16.25 -9.82 -3.02
N ALA B 68 16.62 -8.87 -2.15
CA ALA B 68 16.63 -9.03 -0.70
C ALA B 68 15.81 -7.95 0.00
N THR B 69 15.12 -7.12 -0.77
CA THR B 69 14.05 -6.28 -0.29
C THR B 69 13.06 -7.11 0.51
N TYR B 70 12.84 -6.71 1.77
CA TYR B 70 11.94 -7.39 2.73
C TYR B 70 12.46 -8.75 3.23
N LEU B 71 13.78 -8.97 3.26
CA LEU B 71 14.38 -10.19 3.80
C LEU B 71 14.90 -9.97 5.22
N GLU B 72 14.79 -11.00 6.05
CA GLU B 72 15.15 -10.93 7.46
C GLU B 72 16.23 -11.97 7.78
N ARG B 73 16.79 -11.86 9.00
CA ARG B 73 17.95 -12.65 9.41
C ARG B 73 17.70 -14.15 9.22
N ASN B 74 18.77 -14.87 8.89
CA ASN B 74 18.73 -16.32 8.80
C ASN B 74 18.95 -16.93 10.18
N GLU B 75 18.67 -18.24 10.27
CA GLU B 75 19.11 -19.01 11.42
C GLU B 75 20.62 -18.83 11.56
N PRO B 76 21.14 -18.79 12.78
CA PRO B 76 22.59 -18.69 12.95
C PRO B 76 23.32 -19.76 12.12
N PHE B 77 24.54 -19.42 11.71
CA PHE B 77 25.42 -20.33 11.00
C PHE B 77 26.78 -20.27 11.68
N ASP B 78 27.27 -21.44 12.10
CA ASP B 78 28.51 -21.54 12.85
C ASP B 78 29.68 -21.62 11.88
N TRP B 79 30.30 -20.47 11.61
CA TRP B 79 31.40 -20.41 10.65
C TRP B 79 32.69 -20.96 11.25
N LEU B 80 32.92 -20.68 12.53
CA LEU B 80 34.11 -21.19 13.19
C LEU B 80 34.23 -22.69 13.04
N SER B 81 33.16 -23.41 13.40
CA SER B 81 33.20 -24.86 13.38
C SER B 81 33.21 -25.38 11.94
N TYR B 82 32.35 -24.79 11.08
CA TYR B 82 32.33 -25.16 9.67
C TYR B 82 33.73 -25.16 9.05
N TRP B 83 34.51 -24.11 9.31
CA TRP B 83 35.88 -24.12 8.80
C TRP B 83 36.71 -25.21 9.49
N THR B 84 36.43 -25.53 10.75
CA THR B 84 37.18 -26.61 11.38
C THR B 84 36.61 -27.95 10.94
N ASP B 85 35.37 -28.22 11.33
CA ASP B 85 34.84 -29.57 11.26
C ASP B 85 34.58 -30.02 9.83
N GLU B 86 34.26 -29.10 8.92
CA GLU B 86 33.90 -29.51 7.58
C GLU B 86 34.95 -29.19 6.53
N CYS B 87 35.74 -28.14 6.72
CA CYS B 87 36.76 -27.75 5.75
C CYS B 87 38.16 -28.12 6.21
N HIS B 88 38.27 -28.77 7.36
CA HIS B 88 39.52 -29.25 7.93
C HIS B 88 40.59 -28.18 7.86
N TYR B 89 40.20 -26.95 8.22
CA TYR B 89 41.13 -25.83 8.37
C TYR B 89 41.47 -25.64 9.84
N THR B 90 42.53 -24.90 10.06
CA THR B 90 42.89 -24.46 11.41
C THR B 90 42.61 -22.96 11.49
N LEU B 91 42.27 -22.49 12.71
CA LEU B 91 41.89 -21.09 12.97
C LEU B 91 42.85 -20.47 13.98
N LYS B 92 43.81 -19.71 13.49
CA LYS B 92 44.71 -18.94 14.35
C LYS B 92 44.01 -17.61 14.67
N HIS B 93 43.33 -17.59 15.83
CA HIS B 93 42.68 -16.39 16.36
C HIS B 93 43.65 -15.23 16.58
N VAL B 94 43.26 -14.05 16.05
CA VAL B 94 44.05 -12.84 16.14
C VAL B 94 43.81 -12.19 17.51
N GLU B 95 44.89 -11.73 18.13
CA GLU B 95 44.82 -11.21 19.48
C GLU B 95 43.96 -9.95 19.55
N ASN B 96 43.13 -9.89 20.58
CA ASN B 96 42.30 -8.71 20.87
C ASN B 96 41.44 -8.33 19.67
N SER B 97 40.62 -9.29 19.26
CA SER B 97 39.79 -9.08 18.07
C SER B 97 38.78 -10.20 17.99
N HIS B 98 37.86 -10.03 17.07
CA HIS B 98 36.96 -11.11 16.66
C HIS B 98 37.34 -11.60 15.27
N ASP B 99 38.64 -11.85 15.12
CA ASP B 99 39.27 -12.20 13.85
C ASP B 99 40.06 -13.49 13.99
N PHE B 100 39.98 -14.33 12.96
CA PHE B 100 40.84 -15.48 12.78
C PHE B 100 41.61 -15.40 11.47
N ARG B 101 42.83 -15.93 11.49
CA ARG B 101 43.53 -16.30 10.27
C ARG B 101 43.20 -17.76 9.97
N ILE B 102 42.98 -18.07 8.68
CA ILE B 102 42.44 -19.36 8.28
C ILE B 102 43.48 -20.03 7.38
N TYR B 103 44.03 -21.15 7.86
CA TYR B 103 45.10 -21.86 7.18
C TYR B 103 44.60 -23.23 6.76
N ASP B 104 45.17 -23.75 5.68
CA ASP B 104 44.89 -25.15 5.27
C ASP B 104 46.25 -25.81 5.22
N GLN B 105 46.67 -26.39 6.35
CA GLN B 105 48.01 -27.05 6.43
C GLN B 105 49.08 -26.02 6.10
N GLU B 106 49.20 -24.96 6.90
CA GLU B 106 50.29 -23.95 6.74
C GLU B 106 50.13 -23.12 5.47
N ARG B 107 49.00 -23.25 4.76
CA ARG B 107 48.76 -22.35 3.59
C ARG B 107 47.80 -21.28 4.06
N PHE B 108 48.26 -20.02 4.10
CA PHE B 108 47.42 -18.94 4.63
C PHE B 108 46.36 -18.54 3.61
N LEU B 109 45.10 -18.85 3.92
CA LEU B 109 43.97 -18.63 3.01
C LEU B 109 43.24 -17.32 3.25
N MSE B 110 42.48 -17.25 4.33
CA MSE B 110 41.59 -16.13 4.63
C MSE B 110 41.86 -15.43 5.96
O MSE B 110 42.46 -16.01 6.87
CB MSE B 110 40.17 -16.63 4.59
CG MSE B 110 40.08 -17.78 3.62
SE MSE B 110 38.34 -18.29 3.04
CE MSE B 110 37.53 -18.66 4.77
N TYR B 111 41.43 -14.17 6.05
CA TYR B 111 41.36 -13.39 7.29
C TYR B 111 39.88 -13.13 7.51
N ALA B 112 39.28 -13.85 8.45
CA ALA B 112 37.89 -13.61 8.79
C ALA B 112 37.81 -12.54 9.87
N HIS B 113 36.68 -11.84 9.90
CA HIS B 113 36.41 -10.85 10.94
C HIS B 113 34.94 -10.91 11.30
N PHE B 114 34.66 -11.08 12.58
CA PHE B 114 33.30 -11.05 13.09
C PHE B 114 33.06 -9.74 13.81
N GLN B 115 31.79 -9.33 13.82
CA GLN B 115 31.38 -8.10 14.50
C GLN B 115 31.46 -8.24 16.01
N ASP B 116 30.81 -9.25 16.56
CA ASP B 116 30.60 -9.55 17.97
C ASP B 116 31.66 -10.50 18.51
N PRO B 117 31.86 -10.53 19.83
CA PRO B 117 32.72 -11.58 20.41
C PRO B 117 32.07 -12.95 20.49
N LYS B 118 30.72 -13.04 20.47
CA LYS B 118 29.99 -14.31 20.42
C LYS B 118 30.14 -15.02 19.08
N TYR B 119 30.91 -14.44 18.16
CA TYR B 119 31.23 -14.96 16.83
C TYR B 119 30.01 -15.37 16.01
N ARG B 120 28.82 -14.82 16.33
CA ARG B 120 27.58 -15.17 15.63
C ARG B 120 27.34 -14.32 14.37
N ILE B 121 28.04 -13.20 14.20
CA ILE B 121 27.83 -12.32 13.03
C ILE B 121 29.15 -12.19 12.28
N LEU B 122 29.26 -12.89 11.14
CA LEU B 122 30.45 -12.74 10.29
C LEU B 122 30.36 -11.42 9.54
N ASP B 123 31.43 -10.62 9.60
CA ASP B 123 31.39 -9.30 8.93
C ASP B 123 31.99 -9.34 7.51
N TYR B 124 33.26 -9.73 7.40
CA TYR B 124 33.96 -9.75 6.12
C TYR B 124 35.11 -10.75 6.15
N VAL B 125 35.42 -11.27 4.96
CA VAL B 125 36.44 -12.29 4.77
C VAL B 125 37.41 -11.81 3.68
N ASN B 126 38.68 -11.76 4.02
CA ASN B 126 39.74 -11.27 3.14
C ASN B 126 40.50 -12.46 2.57
N HIS B 127 40.68 -12.49 1.25
CA HIS B 127 41.25 -13.65 0.55
C HIS B 127 42.62 -13.33 -0.01
N PHE B 128 43.59 -14.20 0.29
CA PHE B 128 44.97 -14.02 -0.12
C PHE B 128 45.39 -15.11 -1.07
N ASP B 129 46.30 -14.75 -1.97
CA ASP B 129 46.81 -15.61 -3.01
C ASP B 129 48.10 -16.31 -2.56
N SER B 130 48.81 -16.93 -3.51
CA SER B 130 49.96 -17.77 -3.20
C SER B 130 51.16 -16.93 -2.74
N GLN B 131 51.19 -15.66 -3.16
CA GLN B 131 52.17 -14.66 -2.74
C GLN B 131 51.70 -13.84 -1.55
N ARG B 132 50.49 -14.09 -1.04
CA ARG B 132 49.91 -13.45 0.13
C ARG B 132 49.37 -12.05 -0.16
N ARG B 133 49.11 -11.71 -1.42
CA ARG B 133 48.35 -10.51 -1.78
C ARG B 133 46.88 -10.70 -1.42
N LYS B 134 46.26 -9.62 -0.95
CA LYS B 134 44.84 -9.60 -0.63
C LYS B 134 44.10 -9.35 -1.94
N VAL B 135 43.44 -10.37 -2.49
CA VAL B 135 42.92 -10.24 -3.86
C VAL B 135 41.41 -10.01 -3.86
N LYS B 136 40.72 -10.55 -2.86
CA LYS B 136 39.26 -10.49 -2.82
C LYS B 136 38.76 -10.36 -1.39
N ARG B 137 37.85 -9.41 -1.16
CA ARG B 137 37.16 -9.22 0.12
C ARG B 137 35.70 -9.65 -0.04
N ASP B 138 35.20 -10.38 0.94
CA ASP B 138 33.85 -10.94 0.96
C ASP B 138 33.05 -10.25 2.05
N PHE B 139 32.20 -9.28 1.69
CA PHE B 139 31.41 -8.50 2.64
C PHE B 139 30.06 -9.18 2.90
N TYR B 140 29.73 -9.39 4.16
CA TYR B 140 28.54 -10.16 4.50
C TYR B 140 27.49 -9.25 5.10
N ASP B 141 26.26 -9.40 4.60
CA ASP B 141 25.10 -8.77 5.20
C ASP B 141 24.87 -9.32 6.61
N VAL B 142 24.49 -8.43 7.53
CA VAL B 142 24.18 -8.79 8.90
C VAL B 142 23.00 -9.77 9.00
N ARG B 143 22.24 -9.99 7.93
CA ARG B 143 21.23 -11.04 7.93
C ARG B 143 21.80 -12.42 7.59
N GLY B 144 23.08 -12.51 7.18
CA GLY B 144 23.76 -13.79 7.07
C GLY B 144 24.34 -14.08 5.69
N PHE B 145 23.76 -13.48 4.64
CA PHE B 145 24.18 -13.78 3.27
C PHE B 145 25.32 -12.90 2.79
N LEU B 146 25.99 -13.37 1.74
CA LEU B 146 27.12 -12.65 1.14
C LEU B 146 26.58 -11.56 0.22
N SER B 147 26.92 -10.32 0.52
CA SER B 147 26.26 -9.25 -0.19
C SER B 147 27.12 -8.76 -1.33
N CYS B 148 28.44 -8.77 -1.11
CA CYS B 148 29.32 -8.11 -2.05
C CYS B 148 30.72 -8.69 -1.93
N SER B 149 31.30 -9.10 -3.07
CA SER B 149 32.71 -9.41 -3.18
C SER B 149 33.39 -8.29 -3.95
N ARG B 150 34.49 -7.76 -3.39
CA ARG B 150 35.29 -6.69 -3.98
C ARG B 150 36.65 -7.22 -4.43
N ILE B 151 37.01 -7.00 -5.70
CA ILE B 151 38.31 -7.44 -6.22
C ILE B 151 39.29 -6.28 -6.05
N LEU B 152 40.48 -6.56 -5.48
CA LEU B 152 41.49 -5.54 -5.25
C LEU B 152 42.57 -5.58 -6.32
N VAL B 153 43.40 -4.54 -6.34
CA VAL B 153 44.53 -4.38 -7.26
C VAL B 153 45.60 -3.52 -6.58
N ASP B 154 46.84 -3.70 -7.03
CA ASP B 154 47.97 -2.88 -6.58
C ASP B 154 48.00 -2.75 -5.07
N LYS B 155 47.84 -1.53 -4.53
CA LYS B 155 47.91 -1.31 -3.08
C LYS B 155 46.51 -1.42 -2.43
N GLN B 156 45.98 -2.64 -2.48
CA GLN B 156 44.64 -2.98 -1.99
C GLN B 156 43.57 -2.02 -2.54
N GLN B 157 43.75 -1.59 -3.78
CA GLN B 157 42.83 -0.64 -4.38
C GLN B 157 41.62 -1.37 -4.95
N THR B 158 40.46 -0.77 -4.77
CA THR B 158 39.22 -1.34 -5.29
C THR B 158 39.13 -1.25 -6.82
N LEU B 159 38.87 -2.38 -7.48
CA LEU B 159 38.80 -2.43 -8.94
C LEU B 159 37.38 -2.68 -9.45
N CYS B 160 36.69 -3.66 -8.88
CA CYS B 160 35.29 -3.82 -9.22
C CYS B 160 34.61 -4.51 -8.04
N GLU B 161 33.29 -4.45 -8.06
CA GLU B 161 32.50 -5.01 -6.96
C GLU B 161 31.34 -5.79 -7.57
N PHE B 162 31.07 -6.95 -6.98
CA PHE B 162 29.97 -7.79 -7.40
C PHE B 162 29.02 -7.92 -6.23
N PHE B 163 27.74 -7.83 -6.55
CA PHE B 163 26.67 -7.83 -5.57
C PHE B 163 25.78 -9.01 -5.89
N TYR B 164 25.47 -9.82 -4.88
CA TYR B 164 24.68 -11.04 -5.06
C TYR B 164 23.34 -10.92 -4.34
N ASN B 165 22.43 -11.77 -4.75
CA ASN B 165 21.23 -12.05 -3.97
C ASN B 165 21.59 -13.12 -2.95
N PRO B 166 20.62 -13.49 -2.09
CA PRO B 166 20.96 -14.44 -1.01
C PRO B 166 21.27 -15.83 -1.52
N GLU B 167 20.69 -16.22 -2.69
CA GLU B 167 20.96 -17.53 -3.30
C GLU B 167 22.40 -17.65 -3.78
N GLY B 168 22.97 -16.54 -4.26
CA GLY B 168 24.36 -16.48 -4.69
C GLY B 168 24.44 -15.82 -6.03
N ASP B 169 23.34 -15.83 -6.79
CA ASP B 169 23.35 -15.33 -8.16
C ASP B 169 23.75 -13.87 -8.20
N THR B 170 24.43 -13.49 -9.27
CA THR B 170 24.99 -12.14 -9.38
C THR B 170 23.98 -11.16 -9.96
N LYS B 171 23.86 -9.99 -9.31
CA LYS B 171 22.78 -9.07 -9.67
C LYS B 171 23.25 -7.66 -10.02
N LEU B 172 24.39 -7.21 -9.47
CA LEU B 172 24.98 -5.93 -9.87
C LEU B 172 26.49 -6.07 -9.97
N GLU B 173 27.09 -5.26 -10.83
CA GLU B 173 28.54 -5.15 -10.87
C GLU B 173 28.91 -3.69 -11.00
N LYS B 174 29.94 -3.27 -10.28
CA LYS B 174 30.45 -1.92 -10.33
C LYS B 174 31.95 -1.98 -10.59
N TYR B 175 32.40 -1.24 -11.61
CA TYR B 175 33.79 -1.11 -11.99
C TYR B 175 34.27 0.28 -11.63
N PHE B 176 35.42 0.35 -10.96
CA PHE B 176 35.97 1.60 -10.46
C PHE B 176 37.28 1.96 -11.14
N SER B 177 37.53 3.27 -11.20
CA SER B 177 38.85 3.82 -11.50
C SER B 177 39.16 4.88 -10.46
N TYR B 178 40.44 5.23 -10.29
CA TYR B 178 40.83 6.08 -9.17
C TYR B 178 41.07 7.50 -9.68
N LYS B 179 40.26 8.43 -9.22
CA LYS B 179 40.50 9.87 -9.38
C LYS B 179 41.01 10.36 -8.03
N ASP B 180 41.92 11.34 -8.05
CA ASP B 180 42.63 11.75 -6.85
C ASP B 180 43.29 10.53 -6.24
N GLY B 181 42.82 10.10 -5.08
CA GLY B 181 43.30 8.86 -4.49
C GLY B 181 42.15 8.06 -3.92
N LYS B 182 40.94 8.25 -4.47
CA LYS B 182 39.72 7.59 -4.04
C LYS B 182 39.10 6.79 -5.21
N PRO B 183 38.32 5.74 -4.93
CA PRO B 183 37.66 5.01 -6.02
C PRO B 183 36.42 5.72 -6.55
N GLU B 184 36.16 5.57 -7.85
CA GLU B 184 35.03 6.27 -8.46
C GLU B 184 34.38 5.35 -9.48
N VAL B 185 33.06 5.14 -9.32
CA VAL B 185 32.32 4.28 -10.24
C VAL B 185 32.53 4.77 -11.66
N GLN B 186 32.75 3.81 -12.57
CA GLN B 186 32.78 4.15 -13.98
C GLN B 186 31.86 3.30 -14.83
N LYS B 187 31.29 2.22 -14.29
CA LYS B 187 30.35 1.36 -15.00
C LYS B 187 29.53 0.57 -13.97
N ILE B 188 28.23 0.47 -14.19
CA ILE B 188 27.37 -0.39 -13.40
C ILE B 188 26.64 -1.31 -14.37
N ILE B 189 26.64 -2.60 -14.07
CA ILE B 189 25.83 -3.59 -14.81
C ILE B 189 24.79 -4.12 -13.85
N VAL B 190 23.54 -4.22 -14.31
CA VAL B 190 22.45 -4.70 -13.48
C VAL B 190 21.69 -5.80 -14.22
N TYR B 191 21.59 -6.97 -13.59
CA TYR B 191 20.81 -8.08 -14.10
C TYR B 191 19.44 -8.00 -13.42
N TYR B 192 18.52 -7.31 -14.10
CA TYR B 192 17.16 -7.15 -13.63
C TYR B 192 16.25 -7.41 -14.80
N ALA B 193 15.10 -8.04 -14.53
CA ALA B 193 14.10 -8.33 -15.55
C ALA B 193 14.60 -9.35 -16.57
N ASN B 194 15.59 -10.16 -16.19
CA ASN B 194 16.26 -11.10 -17.10
C ASN B 194 16.92 -10.37 -18.27
N LYS B 195 17.49 -9.20 -18.00
CA LYS B 195 18.18 -8.40 -18.99
C LYS B 195 19.38 -7.76 -18.30
N GLN B 196 20.19 -7.04 -19.07
CA GLN B 196 21.41 -6.36 -18.63
C GLN B 196 21.28 -4.85 -18.89
N TYR B 197 21.36 -4.06 -17.83
CA TYR B 197 21.30 -2.60 -17.96
C TYR B 197 22.65 -1.99 -17.66
N PHE B 198 22.96 -0.90 -18.36
CA PHE B 198 24.25 -0.22 -18.22
C PHE B 198 24.03 1.23 -17.82
N PHE B 199 24.69 1.62 -16.73
CA PHE B 199 24.70 2.99 -16.25
C PHE B 199 26.12 3.42 -15.98
N ASN B 200 26.36 4.73 -15.99
CA ASN B 200 27.74 5.19 -15.89
C ASN B 200 28.12 5.63 -14.49
N ASN B 201 27.15 5.85 -13.61
CA ASN B 201 27.36 6.28 -12.23
C ASN B 201 26.18 5.86 -11.38
N GLU B 202 26.33 6.10 -10.08
CA GLU B 202 25.28 5.69 -9.16
C GLU B 202 24.03 6.53 -9.32
N THR B 203 24.15 7.73 -9.89
CA THR B 203 22.96 8.56 -10.08
C THR B 203 22.00 7.93 -11.07
N GLU B 204 22.51 7.49 -12.21
CA GLU B 204 21.63 6.96 -13.23
C GLU B 204 20.94 5.70 -12.77
N LEU B 205 21.60 4.93 -11.90
CA LEU B 205 20.98 3.75 -11.32
C LEU B 205 19.80 4.16 -10.45
N GLY B 206 20.03 5.05 -9.48
CA GLY B 206 18.99 5.69 -8.71
C GLY B 206 17.78 6.12 -9.52
N ALA B 207 18.00 6.74 -10.70
CA ALA B 207 16.87 7.14 -11.54
C ALA B 207 16.17 5.94 -12.13
N PHE B 208 16.93 4.90 -12.51
CA PHE B 208 16.33 3.70 -13.09
C PHE B 208 15.38 3.03 -12.08
N PHE B 209 15.84 2.94 -10.83
CA PHE B 209 15.09 2.37 -9.70
C PHE B 209 13.76 3.08 -9.46
N ILE B 210 13.80 4.39 -9.23
CA ILE B 210 12.63 5.23 -9.06
C ILE B 210 11.53 4.85 -10.04
N LYS B 211 11.89 4.79 -11.33
CA LYS B 211 10.91 4.49 -12.38
C LYS B 211 10.38 3.08 -12.25
N GLN B 212 11.21 2.17 -11.74
CA GLN B 212 10.76 0.82 -11.43
C GLN B 212 9.74 0.86 -10.30
N LEU B 213 10.03 1.70 -9.29
CA LEU B 213 9.15 1.87 -8.13
C LEU B 213 7.89 2.63 -8.52
N TYR B 214 8.01 3.61 -9.41
CA TYR B 214 6.88 4.49 -9.68
C TYR B 214 5.71 3.74 -10.27
N GLN B 215 4.52 4.10 -9.79
CA GLN B 215 3.20 3.69 -10.27
C GLN B 215 2.37 4.96 -10.28
N HIS B 216 1.28 4.97 -11.06
CA HIS B 216 0.48 6.19 -11.18
C HIS B 216 0.03 6.69 -9.81
N GLY B 217 0.18 8.00 -9.58
CA GLY B 217 -0.29 8.56 -8.34
C GLY B 217 0.53 8.19 -7.11
N ASP B 218 1.65 7.50 -7.28
CA ASP B 218 2.67 7.51 -6.26
C ASP B 218 3.18 8.94 -6.12
N LEU B 219 3.68 9.26 -4.94
CA LEU B 219 4.28 10.56 -4.71
C LEU B 219 5.63 10.37 -4.00
N PHE B 220 6.64 11.14 -4.41
CA PHE B 220 8.01 11.05 -3.91
C PHE B 220 8.44 12.33 -3.20
N PHE B 221 9.21 12.20 -2.13
CA PHE B 221 9.83 13.32 -1.42
C PHE B 221 11.34 13.16 -1.45
N SER B 222 12.04 14.25 -1.71
CA SER B 222 13.47 14.24 -1.91
C SER B 222 14.10 14.76 -0.63
N ASP B 223 14.64 13.86 0.18
CA ASP B 223 15.15 14.24 1.51
C ASP B 223 16.67 14.26 1.64
N ARG B 224 17.43 13.82 0.66
CA ARG B 224 18.91 13.92 0.69
C ARG B 224 19.31 14.54 -0.64
N ASN B 225 19.06 15.83 -0.82
CA ASN B 225 19.19 16.50 -2.15
C ASN B 225 20.60 16.45 -2.77
N VAL B 226 21.67 16.18 -2.03
CA VAL B 226 23.00 16.09 -2.71
C VAL B 226 22.92 14.91 -3.66
N TYR B 227 22.16 13.89 -3.28
CA TYR B 227 22.10 12.67 -4.06
C TYR B 227 20.77 12.52 -4.81
N THR B 228 19.67 12.92 -4.17
CA THR B 228 18.32 12.59 -4.64
C THR B 228 17.83 13.54 -5.72
N ALA B 229 18.15 14.85 -5.58
CA ALA B 229 17.85 15.82 -6.64
C ALA B 229 18.49 15.42 -7.96
N PRO B 230 19.82 15.17 -8.07
CA PRO B 230 20.37 14.64 -9.33
C PRO B 230 19.62 13.42 -9.86
N ILE B 231 19.10 12.56 -8.99
CA ILE B 231 18.33 11.40 -9.44
C ILE B 231 17.03 11.84 -10.08
N PHE B 232 16.24 12.65 -9.38
CA PHE B 232 14.92 12.99 -9.90
C PHE B 232 15.03 13.84 -11.15
N ASN B 233 16.17 14.52 -11.32
CA ASN B 233 16.41 15.34 -12.49
C ASN B 233 16.57 14.50 -13.74
N LEU B 234 17.09 13.28 -13.61
CA LEU B 234 17.13 12.28 -14.67
C LEU B 234 15.87 11.41 -14.70
N THR B 235 14.72 11.99 -14.39
CA THR B 235 13.45 11.31 -14.19
C THR B 235 12.34 12.18 -14.76
N PRO B 236 11.34 11.60 -15.42
CA PRO B 236 10.35 12.42 -16.13
C PRO B 236 9.40 13.18 -15.23
N GLU B 237 9.06 14.40 -15.67
CA GLU B 237 8.12 15.27 -14.95
C GLU B 237 6.84 14.53 -14.57
N SER B 238 6.46 13.50 -15.31
CA SER B 238 5.23 12.75 -15.01
C SER B 238 5.29 12.08 -13.64
N ILE B 239 6.47 11.95 -13.06
CA ILE B 239 6.63 11.39 -11.69
C ILE B 239 6.63 12.53 -10.71
N PRO B 240 5.66 12.62 -9.79
CA PRO B 240 5.57 13.76 -8.88
C PRO B 240 6.65 13.67 -7.81
N VAL B 241 7.36 14.77 -7.57
CA VAL B 241 8.34 14.81 -6.49
C VAL B 241 8.30 16.17 -5.83
N VAL B 242 8.54 16.18 -4.52
CA VAL B 242 8.55 17.36 -3.67
C VAL B 242 9.90 17.41 -2.96
N ALA B 243 10.60 18.52 -3.11
CA ALA B 243 11.84 18.69 -2.38
C ALA B 243 11.54 18.96 -0.92
N VAL B 244 12.42 18.48 -0.07
CA VAL B 244 12.31 18.75 1.35
C VAL B 244 13.68 19.19 1.83
N LEU B 245 13.75 20.36 2.43
CA LEU B 245 15.01 20.97 2.88
C LEU B 245 15.15 20.86 4.38
N HIS B 246 16.34 20.44 4.82
CA HIS B 246 16.57 20.10 6.22
C HIS B 246 17.54 21.00 6.96
N SER B 247 18.36 21.78 6.25
CA SER B 247 19.20 22.83 6.83
C SER B 247 18.91 24.19 6.16
N THR B 248 19.76 25.16 6.49
CA THR B 248 19.77 26.43 5.78
C THR B 248 20.18 26.17 4.33
N HIS B 249 19.54 26.91 3.43
CA HIS B 249 19.58 26.69 1.99
C HIS B 249 20.66 27.50 1.30
N ILE B 250 21.59 28.08 2.04
CA ILE B 250 22.41 29.16 1.53
C ILE B 250 23.71 29.14 2.31
N LYS B 251 24.83 29.34 1.60
CA LYS B 251 26.14 29.19 2.23
C LYS B 251 26.30 30.14 3.41
N ASN B 252 25.70 31.33 3.31
CA ASN B 252 25.81 32.38 4.32
C ASN B 252 24.43 33.00 4.58
N ILE B 253 23.94 32.89 5.82
CA ILE B 253 22.53 33.19 6.05
C ILE B 253 22.28 34.69 5.97
N ASP B 254 23.33 35.49 6.02
CA ASP B 254 23.17 36.92 6.21
C ASP B 254 22.80 37.65 4.91
N ALA B 255 23.15 37.08 3.76
CA ALA B 255 22.79 37.66 2.47
C ALA B 255 21.65 36.82 1.89
N LEU B 256 20.42 37.11 2.34
CA LEU B 256 19.24 36.36 1.88
C LEU B 256 19.13 36.36 0.37
N ASP B 257 19.47 37.48 -0.25
CA ASP B 257 19.29 37.70 -1.67
C ASP B 257 20.51 37.28 -2.46
N SER B 258 21.70 37.54 -1.90
CA SER B 258 22.95 37.58 -2.62
C SER B 258 23.65 36.22 -2.67
N SER B 259 23.77 35.53 -1.52
CA SER B 259 24.70 34.41 -1.34
C SER B 259 24.32 33.23 -2.25
N PRO B 260 25.26 32.30 -2.50
CA PRO B 260 24.90 31.09 -3.26
C PRO B 260 24.13 30.09 -2.42
N PHE B 261 23.58 29.12 -3.14
CA PHE B 261 22.97 27.98 -2.47
C PHE B 261 24.06 27.10 -1.88
N LYS B 262 23.66 26.25 -0.94
CA LYS B 262 24.57 25.24 -0.40
C LYS B 262 24.76 24.19 -1.50
N ASN B 263 25.95 23.58 -1.52
CA ASN B 263 26.30 22.69 -2.63
C ASN B 263 25.29 21.57 -2.76
N VAL B 264 24.80 21.09 -1.60
CA VAL B 264 23.76 20.07 -1.51
C VAL B 264 22.54 20.45 -2.34
N TYR B 265 22.18 21.73 -2.30
CA TYR B 265 20.93 22.17 -2.90
C TYR B 265 21.07 22.73 -4.31
N LYS B 266 22.29 23.00 -4.81
CA LYS B 266 22.46 23.60 -6.13
C LYS B 266 21.68 22.84 -7.20
N ALA B 267 21.99 21.55 -7.36
CA ALA B 267 21.30 20.60 -8.24
C ALA B 267 19.79 20.75 -8.25
N MSE B 268 19.22 21.00 -7.08
CA MSE B 268 17.77 21.14 -6.94
C MSE B 268 17.26 22.44 -7.53
O MSE B 268 16.43 22.44 -8.44
CB MSE B 268 17.38 21.06 -5.47
CG MSE B 268 15.90 20.74 -5.25
SE MSE B 268 14.82 22.32 -4.99
CE MSE B 268 15.96 23.07 -3.62
N PHE B 269 17.78 23.54 -6.98
CA PHE B 269 17.31 24.87 -7.34
C PHE B 269 17.48 25.13 -8.83
N GLU B 270 18.60 24.66 -9.38
CA GLU B 270 18.90 24.84 -10.80
C GLU B 270 17.87 24.19 -11.71
N ASN B 271 17.08 23.24 -11.16
CA ASN B 271 15.96 22.60 -11.91
C ASN B 271 14.73 22.63 -10.99
N LEU B 272 14.20 23.81 -10.68
CA LEU B 272 13.09 23.93 -9.69
C LEU B 272 11.74 23.53 -10.28
N SER B 273 11.62 23.45 -11.60
CA SER B 273 10.31 23.16 -12.23
C SER B 273 9.97 21.69 -12.14
N ARG B 274 10.88 20.86 -11.63
CA ARG B 274 10.67 19.39 -11.58
C ARG B 274 9.96 19.04 -10.28
N TYR B 275 9.87 19.99 -9.36
CA TYR B 275 9.38 19.66 -8.03
C TYR B 275 8.03 20.32 -7.79
N ARG B 276 7.03 19.53 -7.37
CA ARG B 276 5.71 20.07 -7.07
C ARG B 276 5.74 21.10 -5.95
N ALA B 277 6.81 21.18 -5.15
CA ALA B 277 6.87 22.09 -4.00
C ALA B 277 8.19 21.92 -3.27
N ILE B 278 8.42 22.83 -2.31
CA ILE B 278 9.44 22.63 -1.28
C ILE B 278 8.76 22.53 0.09
N ILE B 279 9.20 21.58 0.95
CA ILE B 279 8.89 21.63 2.37
C ILE B 279 10.08 22.21 3.11
N VAL B 280 9.80 23.10 4.06
CA VAL B 280 10.76 23.55 5.05
C VAL B 280 10.07 23.45 6.40
N SER B 281 10.81 23.75 7.47
CA SER B 281 10.24 23.55 8.80
C SER B 281 9.64 24.83 9.39
N THR B 282 10.42 25.90 9.38
CA THR B 282 10.06 27.14 10.04
C THR B 282 9.32 28.05 9.08
N GLU B 283 8.31 28.74 9.61
CA GLU B 283 7.64 29.81 8.86
C GLU B 283 8.63 30.78 8.25
N GLN B 284 9.72 31.09 8.95
CA GLN B 284 10.69 32.03 8.37
C GLN B 284 11.28 31.48 7.08
N GLN B 285 11.86 30.27 7.12
CA GLN B 285 12.50 29.71 5.93
C GLN B 285 11.53 29.64 4.76
N LYS B 286 10.25 29.38 5.01
CA LYS B 286 9.23 29.46 3.96
C LYS B 286 9.31 30.79 3.20
N LEU B 287 9.33 31.90 3.94
CA LEU B 287 9.35 33.22 3.32
C LEU B 287 10.67 33.48 2.60
N ASP B 288 11.78 33.39 3.33
CA ASP B 288 13.11 33.65 2.74
C ASP B 288 13.30 32.86 1.46
N VAL B 289 12.87 31.61 1.46
CA VAL B 289 12.97 30.81 0.25
C VAL B 289 12.08 31.38 -0.85
N GLU B 290 10.81 31.63 -0.53
CA GLU B 290 9.89 32.18 -1.54
C GLU B 290 10.41 33.41 -2.24
N LYS B 291 10.95 34.37 -1.49
CA LYS B 291 11.50 35.56 -2.12
C LYS B 291 12.52 35.19 -3.18
N ARG B 292 13.55 34.43 -2.79
CA ARG B 292 14.65 34.08 -3.72
C ARG B 292 14.13 33.34 -4.95
N ILE B 293 13.18 32.42 -4.77
CA ILE B 293 12.74 31.59 -5.93
C ILE B 293 11.67 32.37 -6.71
N ASN B 294 11.37 33.58 -6.28
CA ASN B 294 10.34 34.41 -6.95
C ASN B 294 9.05 33.60 -7.03
N HIS B 295 8.70 32.90 -5.95
CA HIS B 295 7.42 32.16 -5.90
C HIS B 295 7.27 31.30 -7.15
N THR B 296 8.38 30.92 -7.78
CA THR B 296 8.30 30.01 -8.92
C THR B 296 7.43 28.80 -8.60
N ILE B 297 7.73 28.10 -7.51
CA ILE B 297 6.97 26.91 -7.11
C ILE B 297 6.50 27.11 -5.68
N PRO B 298 5.56 26.28 -5.20
CA PRO B 298 5.10 26.43 -3.80
C PRO B 298 6.16 26.04 -2.78
N VAL B 299 6.41 26.96 -1.85
CA VAL B 299 7.11 26.63 -0.61
C VAL B 299 6.08 26.48 0.51
N VAL B 300 6.34 25.53 1.42
CA VAL B 300 5.44 25.16 2.52
C VAL B 300 6.29 24.87 3.75
N ASN B 301 5.81 25.26 4.94
CA ASN B 301 6.56 24.94 6.15
C ASN B 301 5.79 23.91 6.99
N ILE B 302 6.43 22.76 7.19
CA ILE B 302 5.92 21.65 7.99
C ILE B 302 7.04 21.11 8.88
N PRO B 303 6.98 21.38 10.20
CA PRO B 303 8.15 21.15 11.05
C PRO B 303 8.55 19.68 11.07
N VAL B 304 9.87 19.48 11.07
CA VAL B 304 10.41 18.13 11.02
C VAL B 304 10.00 17.29 12.24
N GLY B 305 9.66 17.92 13.36
CA GLY B 305 9.43 17.22 14.61
C GLY B 305 8.05 17.48 15.16
N TYR B 306 7.57 16.56 15.99
CA TYR B 306 6.34 16.75 16.73
C TYR B 306 6.55 16.36 18.19
N SER B 307 5.67 16.86 19.05
CA SER B 307 5.70 16.56 20.48
C SER B 307 4.57 15.58 20.78
N GLU B 308 4.77 14.80 21.85
CA GLU B 308 3.85 13.73 22.21
C GLU B 308 3.69 13.74 23.72
N THR B 309 2.89 12.78 24.23
CA THR B 309 2.73 12.54 25.66
C THR B 309 4.07 12.30 26.37
N THR B 312 6.35 9.08 31.56
CA THR B 312 7.79 9.21 31.85
C THR B 312 8.11 10.45 32.72
N PRO B 313 8.89 10.27 33.86
CA PRO B 313 9.17 11.38 34.77
C PRO B 313 9.61 12.66 34.06
N VAL B 314 9.17 13.81 34.60
CA VAL B 314 9.44 15.12 34.03
C VAL B 314 9.73 16.10 35.15
N GLN B 315 10.83 16.84 35.01
CA GLN B 315 11.23 17.89 35.92
C GLN B 315 11.24 17.41 37.37
N THR B 316 12.05 16.38 37.58
CA THR B 316 12.33 15.85 38.92
C THR B 316 13.72 16.30 39.37
N LEU B 317 13.80 17.59 39.69
CA LEU B 317 15.10 18.25 39.79
C LEU B 317 15.67 18.06 41.18
N ASP B 318 16.85 17.49 41.24
CA ASP B 318 17.56 17.43 42.51
C ASP B 318 18.00 18.84 42.90
N GLN B 319 17.82 19.20 44.19
CA GLN B 319 18.12 20.54 44.68
C GLN B 319 19.62 20.83 44.64
N ARG B 320 20.44 19.87 45.09
CA ARG B 320 21.87 20.11 45.29
C ARG B 320 22.65 20.22 43.96
N SER B 321 22.21 19.49 42.92
CA SER B 321 22.93 19.42 41.65
C SER B 321 22.20 20.16 40.54
N VAL B 322 22.96 20.84 39.69
CA VAL B 322 22.48 21.44 38.46
C VAL B 322 23.01 20.63 37.31
N LYS B 323 22.11 20.12 36.47
CA LYS B 323 22.48 19.28 35.34
C LYS B 323 22.14 20.00 34.04
N LEU B 324 23.16 20.35 33.26
CA LEU B 324 22.95 20.93 31.94
C LEU B 324 23.15 19.85 30.89
N ILE B 325 22.39 19.95 29.79
CA ILE B 325 22.43 18.95 28.73
C ILE B 325 22.70 19.61 27.39
N SER B 326 23.44 18.92 26.52
CA SER B 326 23.51 19.23 25.10
C SER B 326 23.15 17.97 24.34
N VAL B 327 21.99 17.98 23.67
CA VAL B 327 21.63 16.91 22.74
C VAL B 327 21.97 17.42 21.34
N ALA B 328 23.18 17.12 20.89
CA ALA B 328 23.67 17.65 19.63
C ALA B 328 24.90 16.84 19.23
N ARG B 329 25.11 16.74 17.92
CA ARG B 329 26.18 15.91 17.39
C ARG B 329 27.52 16.57 17.61
N TYR B 330 28.55 15.74 17.77
CA TYR B 330 29.88 16.26 18.00
C TYR B 330 30.46 16.70 16.66
N SER B 331 29.70 17.47 15.94
CA SER B 331 30.20 18.08 14.72
C SER B 331 30.62 19.52 15.00
N PRO B 332 31.35 20.16 14.07
CA PRO B 332 31.93 21.49 14.38
C PRO B 332 30.92 22.64 14.35
N GLU B 333 29.85 22.51 13.58
CA GLU B 333 28.89 23.59 13.48
C GLU B 333 27.89 23.61 14.64
N LYS B 334 27.99 22.68 15.60
CA LYS B 334 27.24 22.78 16.86
C LYS B 334 28.03 23.51 17.93
N GLN B 335 29.31 23.76 17.64
CA GLN B 335 30.26 24.53 18.45
C GLN B 335 30.31 24.05 19.90
N LEU B 336 30.34 22.72 20.07
CA LEU B 336 30.24 22.17 21.41
C LEU B 336 31.45 22.47 22.29
N HIS B 337 32.57 22.88 21.72
CA HIS B 337 33.67 23.34 22.57
C HIS B 337 33.24 24.54 23.42
N GLN B 338 32.29 25.34 22.95
CA GLN B 338 31.95 26.58 23.66
C GLN B 338 31.30 26.27 25.00
N GLN B 339 30.63 25.13 25.07
CA GLN B 339 29.94 24.71 26.27
C GLN B 339 30.93 24.22 27.31
N ILE B 340 32.00 23.53 26.87
CA ILE B 340 33.07 23.17 27.79
C ILE B 340 33.70 24.44 28.37
N GLU B 341 33.89 25.47 27.55
CA GLU B 341 34.42 26.74 28.04
C GLU B 341 33.45 27.38 29.04
N LEU B 342 32.15 27.32 28.74
CA LEU B 342 31.13 27.79 29.66
C LEU B 342 31.26 27.12 31.01
N ILE B 343 31.21 25.79 31.02
CA ILE B 343 31.30 25.01 32.27
C ILE B 343 32.57 25.36 33.02
N LYS B 344 33.69 25.49 32.29
CA LYS B 344 34.98 25.90 32.87
C LYS B 344 34.87 27.19 33.69
N ARG B 345 34.20 28.21 33.13
CA ARG B 345 34.00 29.46 33.88
C ARG B 345 33.04 29.26 35.02
N LEU B 346 32.00 28.47 34.78
CA LEU B 346 30.83 28.40 35.62
C LEU B 346 30.99 27.44 36.81
N VAL B 347 32.09 26.68 36.86
CA VAL B 347 32.20 25.62 37.86
C VAL B 347 32.51 26.18 39.24
N SER B 348 33.18 27.33 39.31
CA SER B 348 33.47 27.97 40.58
C SER B 348 32.28 28.73 41.15
N TYR B 349 31.25 29.02 40.35
CA TYR B 349 29.98 29.53 40.85
C TYR B 349 28.99 28.44 41.19
N VAL B 350 29.08 27.31 40.49
CA VAL B 350 28.18 26.18 40.63
C VAL B 350 29.08 24.96 40.78
N PRO B 351 29.62 24.69 41.96
CA PRO B 351 30.53 23.54 42.09
C PRO B 351 29.86 22.18 41.89
N LYS B 352 28.54 22.09 41.94
CA LYS B 352 27.85 20.82 41.75
C LYS B 352 27.41 20.57 40.31
N ILE B 353 27.77 21.46 39.38
CA ILE B 353 27.18 21.46 38.04
C ILE B 353 27.67 20.27 37.24
N GLU B 354 26.87 19.87 36.25
CA GLU B 354 27.27 18.85 35.30
C GLU B 354 26.82 19.29 33.91
N LEU B 355 27.53 18.81 32.91
CA LEU B 355 27.15 18.92 31.50
C LEU B 355 27.18 17.52 30.92
N HIS B 356 26.01 17.01 30.56
CA HIS B 356 25.93 15.76 29.82
C HIS B 356 25.76 16.12 28.35
N MSE B 357 26.58 15.52 27.50
CA MSE B 357 26.60 15.90 26.10
C MSE B 357 26.31 14.69 25.23
O MSE B 357 27.19 13.88 24.97
CB MSE B 357 27.95 16.48 25.75
CG MSE B 357 28.30 17.76 26.47
SE MSE B 357 29.82 18.55 25.56
CE MSE B 357 29.00 20.09 24.76
N TYR B 358 25.06 14.59 24.77
CA TYR B 358 24.55 13.42 24.07
C TYR B 358 24.78 13.58 22.58
N GLY B 359 25.48 12.64 21.97
CA GLY B 359 25.69 12.70 20.54
C GLY B 359 26.87 11.85 20.14
N PHE B 360 27.02 11.72 18.83
CA PHE B 360 28.16 11.08 18.20
C PHE B 360 28.85 12.10 17.32
N GLY B 361 30.01 11.77 16.81
CA GLY B 361 30.49 12.62 15.74
C GLY B 361 31.98 12.74 15.74
N SER B 362 32.46 13.57 14.82
CA SER B 362 33.87 13.58 14.47
C SER B 362 34.73 14.21 15.57
N GLU B 363 34.15 15.02 16.45
CA GLU B 363 34.95 15.78 17.40
C GLU B 363 34.95 15.15 18.80
N SER B 364 34.61 13.85 18.89
CA SER B 364 34.69 13.14 20.16
C SER B 364 36.06 13.30 20.78
N LYS B 365 37.09 13.45 19.95
CA LYS B 365 38.45 13.52 20.45
C LYS B 365 38.87 14.95 20.80
N LYS B 366 38.61 15.91 19.90
CA LYS B 366 38.85 17.31 20.25
C LYS B 366 38.17 17.66 21.56
N LEU B 367 36.89 17.25 21.69
CA LEU B 367 36.08 17.59 22.85
C LEU B 367 36.58 16.88 24.12
N ASN B 368 37.00 15.62 23.97
CA ASN B 368 37.55 14.87 25.08
C ASN B 368 38.84 15.48 25.60
N GLU B 369 39.75 15.85 24.70
CA GLU B 369 40.98 16.51 25.11
C GLU B 369 40.72 17.77 25.94
N LEU B 370 39.80 18.63 25.49
CA LEU B 370 39.52 19.85 26.26
C LEU B 370 38.97 19.52 27.63
N ILE B 371 38.07 18.54 27.72
CA ILE B 371 37.58 18.18 29.03
C ILE B 371 38.73 17.73 29.92
N GLN B 372 39.70 17.05 29.31
CA GLN B 372 40.89 16.63 30.03
C GLN B 372 41.77 17.84 30.39
N LYS B 373 42.10 18.66 29.37
CA LYS B 373 42.94 19.84 29.56
C LYS B 373 42.43 20.74 30.66
N TYR B 374 41.11 20.92 30.75
CA TYR B 374 40.56 21.80 31.76
C TYR B 374 40.27 21.09 33.07
N GLY B 375 40.46 19.78 33.12
CA GLY B 375 40.24 19.07 34.38
C GLY B 375 38.77 18.95 34.74
N LEU B 376 37.90 19.01 33.75
CA LEU B 376 36.45 18.95 33.95
C LEU B 376 35.89 17.53 33.79
N GLU B 377 36.72 16.52 34.03
CA GLU B 377 36.31 15.13 33.82
C GLU B 377 35.22 14.73 34.80
N ASN B 378 35.08 15.44 35.92
CA ASN B 378 34.08 15.19 36.96
C ASN B 378 32.81 16.00 36.80
N HIS B 379 32.66 16.69 35.67
CA HIS B 379 31.59 17.65 35.42
C HIS B 379 31.03 17.58 34.02
N VAL B 380 31.86 17.47 32.99
CA VAL B 380 31.38 17.36 31.62
C VAL B 380 31.60 15.93 31.14
N TYR B 381 30.57 15.33 30.56
CA TYR B 381 30.58 13.92 30.17
C TYR B 381 30.16 13.82 28.72
N LEU B 382 30.89 13.07 27.91
CA LEU B 382 30.49 12.80 26.52
C LEU B 382 29.68 11.50 26.54
N ARG B 383 28.37 11.63 26.74
CA ARG B 383 27.54 10.48 27.02
C ARG B 383 27.37 9.61 25.78
N GLY B 384 27.73 10.13 24.62
CA GLY B 384 27.64 9.39 23.39
C GLY B 384 26.19 9.10 23.05
N PHE B 385 25.96 8.73 21.81
CA PHE B 385 24.59 8.73 21.29
C PHE B 385 23.73 7.74 22.04
N LEU B 386 22.62 8.24 22.58
CA LEU B 386 21.61 7.45 23.24
C LEU B 386 20.33 7.59 22.40
N SER B 387 19.51 6.53 22.38
CA SER B 387 18.37 6.49 21.46
C SER B 387 17.11 7.01 22.16
N ASN B 388 16.67 6.28 23.18
CA ASN B 388 15.63 6.80 24.04
C ASN B 388 16.28 7.71 25.10
N LEU B 389 15.94 9.00 25.09
CA LEU B 389 16.51 9.92 26.06
C LEU B 389 15.54 10.29 27.18
N ASP B 390 14.35 9.68 27.22
CA ASP B 390 13.27 10.17 28.06
C ASP B 390 13.65 10.32 29.53
N GLN B 391 14.51 9.44 30.04
CA GLN B 391 14.89 9.57 31.45
C GLN B 391 16.07 10.54 31.65
N GLU B 392 16.85 10.80 30.61
CA GLU B 392 17.95 11.75 30.76
C GLU B 392 17.43 13.17 30.93
N TYR B 393 16.26 13.46 30.35
CA TYR B 393 15.59 14.75 30.38
C TYR B 393 14.97 15.05 31.73
N SER B 394 14.89 14.06 32.64
CA SER B 394 14.07 14.20 33.83
C SER B 394 14.70 15.17 34.82
N ASP B 395 15.97 14.95 35.16
CA ASP B 395 16.69 15.88 36.03
C ASP B 395 17.48 16.93 35.24
N ALA B 396 17.14 17.15 33.97
CA ALA B 396 17.76 18.23 33.19
C ALA B 396 17.24 19.58 33.66
N TYR B 397 18.16 20.49 34.00
CA TYR B 397 17.78 21.84 34.40
C TYR B 397 17.49 22.71 33.19
N LEU B 398 18.42 22.75 32.24
CA LEU B 398 18.16 23.42 30.97
C LEU B 398 18.92 22.70 29.84
N SER B 399 18.49 22.94 28.61
CA SER B 399 19.21 22.52 27.41
C SER B 399 20.00 23.69 26.84
N LEU B 400 21.07 23.35 26.14
CA LEU B 400 22.01 24.33 25.60
C LEU B 400 22.12 24.11 24.10
N ILE B 401 22.15 25.20 23.35
CA ILE B 401 22.38 25.17 21.91
C ILE B 401 23.38 26.25 21.57
N THR B 402 24.42 25.89 20.81
CA THR B 402 25.44 26.87 20.47
C THR B 402 25.86 26.78 19.03
N SER B 403 25.05 26.16 18.18
CA SER B 403 25.36 26.05 16.77
C SER B 403 25.20 27.42 16.10
N ASN B 404 25.46 27.47 14.80
CA ASN B 404 25.30 28.65 13.96
C ASN B 404 24.35 28.42 12.79
N MSE B 405 24.05 27.16 12.49
CA MSE B 405 23.29 26.74 11.35
C MSE B 405 22.31 25.69 11.82
O MSE B 405 22.70 24.65 12.36
CB MSE B 405 24.22 26.18 10.28
CG MSE B 405 23.57 25.62 9.05
SE MSE B 405 25.03 25.09 7.90
CE MSE B 405 25.59 23.46 8.84
N GLU B 406 21.02 25.93 11.62
CA GLU B 406 20.06 24.89 11.92
C GLU B 406 18.75 25.17 11.22
N GLY B 407 18.12 24.11 10.68
CA GLY B 407 16.69 24.14 10.39
C GLY B 407 15.94 24.03 11.70
N PHE B 408 14.75 23.43 11.68
CA PHE B 408 14.16 23.00 12.94
C PHE B 408 15.18 22.22 13.76
N SER B 409 15.27 22.52 15.05
CA SER B 409 16.07 21.67 15.93
C SER B 409 15.16 20.64 16.57
N LEU B 410 15.31 19.39 16.16
CA LEU B 410 14.49 18.38 16.80
C LEU B 410 14.91 18.20 18.23
N ALA B 411 16.19 18.48 18.53
CA ALA B 411 16.69 18.35 19.89
C ALA B 411 16.12 19.44 20.77
N LEU B 412 15.98 20.65 20.21
CA LEU B 412 15.34 21.74 20.93
C LEU B 412 13.90 21.35 21.29
N LEU B 413 13.08 20.99 20.29
CA LEU B 413 11.69 20.71 20.60
C LEU B 413 11.57 19.60 21.64
N GLU B 414 12.41 18.56 21.54
CA GLU B 414 12.35 17.45 22.50
C GLU B 414 12.56 17.93 23.91
N SER B 415 13.53 18.83 24.10
CA SER B 415 13.72 19.53 25.38
C SER B 415 12.41 20.13 25.87
N LEU B 416 11.86 21.06 25.06
CA LEU B 416 10.65 21.80 25.41
C LEU B 416 9.51 20.84 25.77
N ALA B 417 9.38 19.75 25.00
CA ALA B 417 8.40 18.71 25.28
C ALA B 417 8.61 18.11 26.67
N HIS B 418 9.86 17.78 27.05
CA HIS B 418 10.15 17.20 28.37
C HIS B 418 10.29 18.23 29.50
N GLY B 419 9.87 19.47 29.28
CA GLY B 419 9.88 20.42 30.36
C GLY B 419 11.19 21.18 30.52
N VAL B 420 12.13 21.01 29.64
CA VAL B 420 13.52 21.54 29.87
C VAL B 420 13.66 22.81 29.05
N PRO B 421 13.78 24.00 29.68
CA PRO B 421 14.04 25.22 28.91
C PRO B 421 15.34 25.13 28.13
N VAL B 422 15.42 25.93 27.06
CA VAL B 422 16.54 25.93 26.12
C VAL B 422 17.17 27.33 26.10
N ILE B 423 18.49 27.39 26.18
CA ILE B 423 19.23 28.63 25.93
C ILE B 423 20.06 28.44 24.67
N SER B 424 19.68 29.16 23.62
CA SER B 424 20.28 29.01 22.31
C SER B 424 20.72 30.36 21.77
N TYR B 425 21.72 30.34 20.89
CA TYR B 425 21.99 31.49 20.04
C TYR B 425 20.78 31.80 19.18
N ASP B 426 20.71 33.04 18.70
CA ASP B 426 19.59 33.49 17.86
C ASP B 426 19.87 33.24 16.38
N ILE B 427 20.04 31.98 16.08
CA ILE B 427 20.38 31.53 14.73
C ILE B 427 19.12 31.10 13.98
N LYS B 428 19.21 31.19 12.66
CA LYS B 428 18.16 30.73 11.77
C LYS B 428 18.56 29.35 11.27
N TYR B 429 17.58 28.46 11.12
CA TYR B 429 16.16 28.69 11.47
C TYR B 429 15.83 27.89 12.72
N GLY B 430 14.65 28.05 13.30
CA GLY B 430 14.29 27.17 14.39
C GLY B 430 14.21 27.80 15.76
N PRO B 431 15.35 28.28 16.31
CA PRO B 431 15.28 28.89 17.64
C PRO B 431 14.41 30.14 17.70
N ASN B 432 14.55 31.01 16.69
CA ASN B 432 13.69 32.18 16.52
C ASN B 432 12.20 31.86 16.67
N GLU B 433 11.80 30.64 16.28
CA GLU B 433 10.41 30.22 16.20
C GLU B 433 9.96 29.48 17.44
N LEU B 434 10.86 28.70 18.04
CA LEU B 434 10.50 27.83 19.15
C LEU B 434 10.77 28.42 20.52
N ILE B 435 11.65 29.40 20.64
CA ILE B 435 11.90 30.05 21.92
C ILE B 435 11.34 31.47 21.84
N THR B 436 10.73 31.91 22.94
CA THR B 436 10.36 33.30 23.19
C THR B 436 11.01 33.71 24.50
N SER B 437 12.04 34.53 24.40
CA SER B 437 12.95 34.71 25.53
C SER B 437 12.16 35.12 26.76
N ASP B 438 12.58 34.61 27.92
CA ASP B 438 11.86 34.83 29.18
C ASP B 438 10.45 34.23 29.16
N PHE B 439 10.19 33.23 28.30
CA PHE B 439 8.94 32.46 28.32
C PHE B 439 9.26 30.99 28.52
N ASN B 440 10.09 30.44 27.63
CA ASN B 440 10.52 29.06 27.73
C ASN B 440 12.03 28.92 27.59
N GLY B 441 12.75 30.03 27.60
CA GLY B 441 14.20 30.02 27.52
C GLY B 441 14.70 31.35 26.99
N TYR B 442 16.00 31.43 26.72
CA TYR B 442 16.55 32.68 26.21
C TYR B 442 17.27 32.48 24.90
N LEU B 443 17.04 33.44 23.99
CA LEU B 443 17.84 33.58 22.77
C LEU B 443 18.98 34.54 23.05
N ILE B 444 20.18 34.16 22.63
CA ILE B 444 21.42 34.88 22.90
C ILE B 444 21.93 35.43 21.59
N THR B 445 22.51 36.63 21.63
CA THR B 445 23.24 37.12 20.47
C THR B 445 24.27 36.08 20.04
N LYS B 446 24.23 35.73 18.76
CA LYS B 446 25.08 34.67 18.20
C LYS B 446 26.52 34.83 18.65
N ASN B 447 27.07 33.78 19.27
CA ASN B 447 28.48 33.71 19.65
C ASN B 447 28.86 34.69 20.75
N ASP B 448 27.86 35.23 21.45
CA ASP B 448 28.08 36.13 22.58
C ASP B 448 28.32 35.35 23.87
N GLU B 449 29.39 34.57 23.87
CA GLU B 449 29.64 33.61 24.95
C GLU B 449 29.58 34.26 26.34
N ASP B 450 29.74 35.59 26.45
CA ASP B 450 29.53 36.21 27.75
C ASP B 450 28.04 36.28 28.07
N ALA B 451 27.23 36.77 27.12
CA ALA B 451 25.79 36.82 27.30
C ALA B 451 25.24 35.44 27.59
N LEU B 452 25.78 34.42 26.92
CA LEU B 452 25.40 33.05 27.18
C LEU B 452 25.69 32.69 28.63
N PHE B 453 26.94 32.88 29.06
CA PHE B 453 27.30 32.61 30.45
C PHE B 453 26.40 33.41 31.39
N ASP B 454 26.18 34.68 31.06
CA ASP B 454 25.40 35.55 31.93
C ASP B 454 24.02 34.96 32.19
N LYS B 455 23.38 34.47 31.12
CA LYS B 455 22.02 33.95 31.24
C LYS B 455 22.03 32.58 31.92
N VAL B 456 22.97 31.71 31.54
CA VAL B 456 22.97 30.38 32.12
C VAL B 456 23.15 30.46 33.62
N LYS B 457 24.14 31.24 34.07
CA LYS B 457 24.35 31.51 35.51
C LYS B 457 23.12 32.13 36.16
N TYR B 458 22.42 33.01 35.43
CA TYR B 458 21.24 33.65 35.99
C TYR B 458 20.16 32.62 36.31
N VAL B 459 19.76 31.81 35.32
CA VAL B 459 18.65 30.89 35.54
C VAL B 459 19.02 29.91 36.64
N ILE B 460 20.27 29.44 36.64
CA ILE B 460 20.76 28.63 37.75
C ILE B 460 20.57 29.36 39.07
N ASP B 461 20.83 30.67 39.07
CA ASP B 461 20.68 31.44 40.29
C ASP B 461 19.23 31.47 40.78
N HIS B 462 18.26 31.48 39.84
CA HIS B 462 16.85 31.60 40.22
C HIS B 462 16.04 30.36 39.86
N PRO B 463 16.06 29.33 40.71
CA PRO B 463 15.27 28.12 40.46
C PRO B 463 13.83 28.41 40.12
N GLU B 464 13.30 29.49 40.70
CA GLU B 464 11.90 29.88 40.50
C GLU B 464 11.67 30.31 39.05
N VAL B 465 12.68 30.94 38.42
CA VAL B 465 12.60 31.30 37.01
C VAL B 465 12.57 30.04 36.16
N GLN B 466 13.56 29.17 36.37
CA GLN B 466 13.66 27.86 35.73
C GLN B 466 12.30 27.19 35.64
N GLN B 467 11.55 27.19 36.76
CA GLN B 467 10.28 26.47 36.78
C GLN B 467 9.25 27.18 35.93
N ARG B 468 9.22 28.52 36.01
CA ARG B 468 8.42 29.34 35.13
C ARG B 468 8.73 29.02 33.67
N LEU B 469 10.03 28.93 33.36
CA LEU B 469 10.48 28.64 31.99
C LEU B 469 10.07 27.24 31.57
N SER B 470 10.21 26.27 32.50
CA SER B 470 9.82 24.90 32.22
C SER B 470 8.35 24.84 31.84
N LYS B 471 7.51 25.63 32.53
CA LYS B 471 6.06 25.55 32.30
C LYS B 471 5.70 26.13 30.95
N GLY B 472 6.47 27.13 30.50
CA GLY B 472 6.27 27.68 29.17
C GLY B 472 6.79 26.79 28.07
N SER B 473 7.83 26.01 28.34
CA SER B 473 8.36 25.06 27.35
C SER B 473 7.34 23.96 27.04
N LEU B 474 6.65 23.45 28.07
CA LEU B 474 5.57 22.50 27.85
C LEU B 474 4.48 23.14 27.02
N ALA B 475 4.17 24.41 27.29
CA ALA B 475 3.10 25.09 26.57
C ALA B 475 3.44 25.21 25.10
N LYS B 476 4.61 25.81 24.80
CA LYS B 476 5.01 25.96 23.41
C LYS B 476 5.09 24.62 22.71
N ALA B 477 5.44 23.55 23.43
CA ALA B 477 5.61 22.26 22.76
C ALA B 477 4.30 21.76 22.19
N GLN B 478 3.17 22.10 22.83
CA GLN B 478 1.88 21.57 22.39
C GLN B 478 1.36 22.29 21.17
N GLN B 479 2.04 23.34 20.74
CA GLN B 479 1.75 23.94 19.45
C GLN B 479 2.26 23.08 18.30
N TYR B 480 3.30 22.28 18.54
CA TYR B 480 3.86 21.34 17.57
C TYR B 480 3.47 19.90 17.89
N SER B 481 2.21 19.70 18.22
CA SER B 481 1.70 18.41 18.66
C SER B 481 1.67 17.41 17.51
N LYS B 482 1.51 16.12 17.86
CA LYS B 482 1.33 15.08 16.85
C LYS B 482 0.04 15.30 16.08
N ALA B 483 -1.08 15.42 16.81
CA ALA B 483 -2.38 15.61 16.17
C ALA B 483 -2.33 16.70 15.13
N SER B 484 -1.62 17.79 15.40
CA SER B 484 -1.64 18.95 14.52
C SER B 484 -0.80 18.73 13.27
N LEU B 485 0.24 17.90 13.36
CA LEU B 485 1.17 17.66 12.25
C LEU B 485 0.64 16.59 11.33
N ILE B 486 -0.22 15.73 11.86
CA ILE B 486 -0.97 14.83 11.01
C ILE B 486 -1.96 15.63 10.17
N LYS B 487 -2.56 16.66 10.77
CA LYS B 487 -3.41 17.59 10.02
C LYS B 487 -2.59 18.28 8.92
N GLN B 488 -1.44 18.83 9.29
CA GLN B 488 -0.60 19.53 8.31
C GLN B 488 -0.16 18.60 7.17
N TRP B 489 0.08 17.32 7.46
CA TRP B 489 0.55 16.44 6.38
C TRP B 489 -0.61 16.05 5.50
N ASP B 490 -1.70 15.61 6.11
CA ASP B 490 -2.87 15.19 5.36
C ASP B 490 -3.39 16.31 4.46
N GLN B 491 -3.41 17.54 4.99
CA GLN B 491 -3.66 18.73 4.20
C GLN B 491 -2.80 18.78 2.95
N PHE B 492 -1.49 18.81 3.14
CA PHE B 492 -0.54 19.25 2.12
C PHE B 492 -0.04 18.09 1.29
N VAL B 493 -0.67 16.93 1.46
CA VAL B 493 -0.58 15.83 0.52
C VAL B 493 -1.76 15.83 -0.41
N ARG B 494 -2.96 15.97 0.17
CA ARG B 494 -4.21 16.00 -0.59
C ARG B 494 -4.22 17.11 -1.64
N LEU B 495 -3.56 18.23 -1.37
CA LEU B 495 -3.57 19.37 -2.26
C LEU B 495 -2.37 19.42 -3.22
N ILE B 496 -1.61 18.34 -3.35
CA ILE B 496 -0.47 18.33 -4.28
C ILE B 496 -0.71 17.43 -5.52
P PO4 C . -28.27 -8.07 -9.14
O1 PO4 C . -28.22 -7.22 -7.86
O2 PO4 C . -29.37 -9.12 -9.00
O3 PO4 C . -26.94 -8.78 -9.40
O4 PO4 C . -28.57 -7.24 -10.39
P PO4 D . -21.32 -18.23 -7.25
O1 PO4 D . -20.46 -19.34 -6.67
O2 PO4 D . -20.42 -17.11 -7.77
O3 PO4 D . -22.28 -17.63 -6.22
O4 PO4 D . -22.17 -18.84 -8.37
P PO4 E . -28.02 -3.77 -9.45
O1 PO4 E . -28.06 -3.40 -7.97
O2 PO4 E . -29.09 -4.78 -9.72
O3 PO4 E . -26.65 -4.32 -9.79
O4 PO4 E . -28.33 -2.58 -10.34
P PO4 F . -14.66 -36.01 -24.39
O1 PO4 F . -15.70 -36.22 -23.28
O2 PO4 F . -13.32 -35.80 -23.73
O3 PO4 F . -14.60 -37.24 -25.26
O4 PO4 F . -15.03 -34.78 -25.20
P PO4 G . 22.02 17.20 13.05
O1 PO4 G . 22.21 17.05 14.55
O2 PO4 G . 23.36 17.66 12.52
O3 PO4 G . 20.96 18.26 12.70
O4 PO4 G . 21.64 15.84 12.49
P PO4 H . 18.95 17.65 2.69
O1 PO4 H . 18.44 16.74 3.76
O2 PO4 H . 20.36 17.25 2.31
O3 PO4 H . 18.92 19.06 3.22
O4 PO4 H . 18.07 17.55 1.46
P PO4 I . 25.96 9.75 4.04
O1 PO4 I . 26.40 10.27 5.38
O2 PO4 I . 24.58 10.28 3.70
O3 PO4 I . 25.93 8.24 4.09
O4 PO4 I . 26.94 10.26 2.99
P PO4 J . 18.61 17.94 15.06
O1 PO4 J . 19.19 18.48 16.35
O2 PO4 J . 17.51 16.96 15.36
O3 PO4 J . 19.53 17.07 14.28
O4 PO4 J . 18.11 19.05 14.14
P PO4 K . 32.60 -1.05 3.70
O1 PO4 K . 34.04 -1.27 4.14
O2 PO4 K . 31.89 -0.18 4.70
O3 PO4 K . 31.85 -2.36 3.77
O4 PO4 K . 32.52 -0.49 2.29
P PO4 L . 44.30 -8.26 6.79
O1 PO4 L . 43.55 -7.88 8.08
O2 PO4 L . 45.04 -7.09 6.14
O3 PO4 L . 45.32 -9.36 7.02
O4 PO4 L . 43.26 -8.66 5.79
P PO4 M . 36.92 -1.58 5.62
O1 PO4 M . 38.09 -1.85 6.54
O2 PO4 M . 36.85 -0.11 5.30
O3 PO4 M . 37.12 -2.31 4.31
O4 PO4 M . 35.63 -2.05 6.28
#